data_4C5Y
#
_entry.id   4C5Y
#
_cell.length_a   183.240
_cell.length_b   183.240
_cell.length_c   78.980
_cell.angle_alpha   90.00
_cell.angle_beta   90.00
_cell.angle_gamma   90.00
#
_symmetry.space_group_name_H-M   'P 4 21 2'
#
loop_
_entity.id
_entity.type
_entity.pdbx_description
1 polymer OCHRATOXINASE
2 non-polymer 'ZINC ION'
3 water water
#
_entity_poly.entity_id   1
_entity_poly.type   'polypeptide(L)'
_entity_poly.pdbx_seq_one_letter_code
;STDEAKVTIIYAGLLIPGDGEPLRNAALVISDKIIAFVGSEADIPKKYLRSTQSTHRVPVLMPGLWDCHMHFGGDDDYYN
DYTSGLATHPASSGARLARGCWEALQNGYTSYRDLAGYGCEVAKAINDGTIVGPNVYSSGAALSQTAGHGDIFALPAGEV
LGSYGVMNPRPGYWGAGPLCIADGVEEVRRAVRLQIRRGAKVI(KCX)VMASGGVMSRDDNPNFAQFSPEELKVIVEEAA
RQNRIVSAHVHGKAGIMAAIKAGCKSLEHVSYADEEVWELMKEKGILYVATRSVIEIFLASNGEGLVKESWAKLQALADS
HLKAYQGAIKAGVTIALGTDTAPGGPTALELQFAVERGGMTPLEAIKAATANAPLSVGPQAPLTGQLREGYEADVIALEE
NPLEDIKVFQEPKAVTHVWKGGKLFKGPGIGPWGEDARNPFL
;
_entity_poly.pdbx_strand_id   A,B
#
loop_
_chem_comp.id
_chem_comp.type
_chem_comp.name
_chem_comp.formula
ZN non-polymer 'ZINC ION' 'Zn 2'
#
# COMPACT_ATOMS: atom_id res chain seq x y z
N ASP A 3 27.76 -19.29 -2.14
CA ASP A 3 28.82 -19.88 -3.03
C ASP A 3 29.84 -18.82 -3.53
N GLU A 4 29.37 -17.84 -4.32
CA GLU A 4 30.23 -16.85 -4.96
C GLU A 4 29.66 -15.45 -4.84
N ALA A 5 30.48 -14.47 -4.46
CA ALA A 5 30.00 -13.09 -4.32
C ALA A 5 29.57 -12.45 -5.65
N LYS A 6 28.47 -11.70 -5.63
CA LYS A 6 27.98 -10.99 -6.82
C LYS A 6 28.59 -9.60 -6.90
N VAL A 7 29.49 -9.40 -7.87
CA VAL A 7 30.29 -8.18 -7.97
C VAL A 7 29.81 -7.26 -9.11
N THR A 8 29.71 -5.97 -8.79
CA THR A 8 29.32 -4.96 -9.75
C THR A 8 30.34 -3.83 -9.68
N ILE A 9 30.81 -3.37 -10.83
CA ILE A 9 31.77 -2.29 -10.87
C ILE A 9 31.10 -1.09 -11.49
N ILE A 10 31.35 0.07 -10.91
CA ILE A 10 30.80 1.32 -11.40
C ILE A 10 31.88 2.39 -11.55
N TYR A 11 32.10 2.85 -12.79
CA TYR A 11 33.03 3.93 -13.05
C TYR A 11 32.24 5.23 -13.09
N ALA A 12 32.84 6.29 -12.54
CA ALA A 12 32.14 7.53 -12.33
C ALA A 12 32.99 8.69 -12.80
N GLY A 13 32.37 9.63 -13.52
CA GLY A 13 33.05 10.86 -13.95
C GLY A 13 33.43 11.68 -12.74
N LEU A 14 32.47 11.75 -11.82
CA LEU A 14 32.63 12.41 -10.54
C LEU A 14 32.03 11.52 -9.46
N LEU A 15 32.78 11.29 -8.40
CA LEU A 15 32.31 10.46 -7.31
C LEU A 15 32.30 11.26 -6.03
N ILE A 16 31.11 11.49 -5.51
CA ILE A 16 30.92 12.28 -4.30
C ILE A 16 30.67 11.32 -3.15
N PRO A 17 31.58 11.28 -2.17
CA PRO A 17 31.55 10.13 -1.27
C PRO A 17 30.71 10.31 -0.02
N GLY A 18 30.40 11.55 0.34
CA GLY A 18 29.58 11.84 1.53
C GLY A 18 30.36 12.72 2.47
N ASP A 19 31.52 12.23 2.89
CA ASP A 19 32.46 13.02 3.68
C ASP A 19 33.77 13.02 2.91
N GLY A 20 34.52 14.12 2.97
CA GLY A 20 35.75 14.25 2.19
C GLY A 20 35.54 14.67 0.73
N GLU A 21 36.58 15.23 0.12
CA GLU A 21 36.52 15.74 -1.26
C GLU A 21 35.96 14.72 -2.28
N PRO A 22 35.25 15.23 -3.32
CA PRO A 22 34.79 14.38 -4.41
C PRO A 22 35.93 13.96 -5.33
N LEU A 23 35.75 12.84 -6.03
CA LEU A 23 36.80 12.26 -6.85
C LEU A 23 36.47 12.33 -8.33
N ARG A 24 37.54 12.42 -9.13
CA ARG A 24 37.47 12.56 -10.57
C ARG A 24 37.79 11.22 -11.23
N ASN A 25 36.95 10.83 -12.19
CA ASN A 25 37.19 9.61 -12.95
C ASN A 25 37.49 8.45 -12.01
N ALA A 26 36.59 8.24 -11.07
CA ALA A 26 36.79 7.23 -10.05
C ALA A 26 36.01 5.96 -10.39
N ALA A 27 36.19 4.95 -9.55
CA ALA A 27 35.46 3.69 -9.66
C ALA A 27 35.08 3.15 -8.28
N LEU A 28 33.96 2.44 -8.22
CA LEU A 28 33.45 1.88 -6.98
C LEU A 28 33.05 0.44 -7.23
N VAL A 29 33.31 -0.43 -6.25
CA VAL A 29 32.94 -1.84 -6.37
C VAL A 29 31.95 -2.23 -5.29
N ILE A 30 31.10 -3.19 -5.65
CA ILE A 30 30.09 -3.72 -4.77
C ILE A 30 30.24 -5.21 -4.73
N SER A 31 30.65 -5.75 -3.58
CA SER A 31 30.54 -7.19 -3.36
C SER A 31 29.27 -7.40 -2.57
N ASP A 32 28.32 -8.13 -3.18
CA ASP A 32 27.01 -8.45 -2.58
C ASP A 32 26.31 -7.21 -2.04
N LYS A 33 26.12 -7.16 -0.72
CA LYS A 33 25.36 -6.11 -0.05
C LYS A 33 26.20 -4.88 0.31
N ILE A 34 27.52 -5.01 0.25
CA ILE A 34 28.42 -3.94 0.73
C ILE A 34 29.46 -3.44 -0.28
N ILE A 35 29.99 -2.27 0.04
CA ILE A 35 30.94 -1.59 -0.80
C ILE A 35 32.34 -2.15 -0.62
N ALA A 36 32.90 -2.67 -1.71
CA ALA A 36 34.17 -3.37 -1.66
C ALA A 36 35.40 -2.48 -2.03
N PHE A 37 35.19 -1.48 -2.87
CA PHE A 37 36.30 -0.59 -3.25
C PHE A 37 35.82 0.81 -3.66
N VAL A 38 36.57 1.82 -3.24
CA VAL A 38 36.45 3.18 -3.76
C VAL A 38 37.84 3.79 -3.97
N GLY A 39 38.02 4.47 -5.10
CA GLY A 39 39.33 5.01 -5.51
C GLY A 39 39.31 5.37 -6.97
N SER A 40 40.43 5.83 -7.53
CA SER A 40 40.42 6.25 -8.93
C SER A 40 40.37 4.99 -9.82
N GLU A 41 39.75 5.15 -10.98
CA GLU A 41 39.54 4.04 -11.93
C GLU A 41 40.78 3.18 -12.16
N ALA A 42 41.94 3.83 -12.26
CA ALA A 42 43.22 3.12 -12.42
C ALA A 42 43.47 2.06 -11.32
N ASP A 43 43.17 2.41 -10.07
CA ASP A 43 43.62 1.60 -8.91
C ASP A 43 42.65 0.48 -8.48
N ILE A 44 41.64 0.16 -9.30
CA ILE A 44 40.74 -0.97 -9.03
C ILE A 44 41.56 -2.27 -8.81
N PRO A 45 41.25 -3.03 -7.74
CA PRO A 45 41.89 -4.35 -7.62
C PRO A 45 41.54 -5.27 -8.80
N LYS A 46 42.56 -5.96 -9.31
CA LYS A 46 42.35 -6.84 -10.47
C LYS A 46 41.53 -8.05 -10.07
N LYS A 47 41.61 -8.42 -8.80
CA LYS A 47 40.75 -9.40 -8.17
C LYS A 47 39.29 -9.25 -8.65
N TYR A 48 38.82 -8.01 -8.64
CA TYR A 48 37.41 -7.68 -8.94
C TYR A 48 37.13 -7.60 -10.43
N LEU A 49 38.09 -7.05 -11.18
CA LEU A 49 37.99 -7.04 -12.63
C LEU A 49 37.74 -8.44 -13.17
N ARG A 50 38.38 -9.42 -12.57
CA ARG A 50 38.26 -10.81 -13.03
C ARG A 50 36.88 -11.38 -12.71
N SER A 51 36.31 -10.98 -11.58
CA SER A 51 35.12 -11.65 -11.03
C SER A 51 33.79 -11.00 -11.39
N THR A 52 33.77 -9.69 -11.61
CA THR A 52 32.51 -8.94 -11.86
C THR A 52 31.61 -9.51 -12.96
N GLN A 53 30.29 -9.31 -12.83
CA GLN A 53 29.34 -9.70 -13.88
C GLN A 53 28.44 -8.53 -14.25
N SER A 54 28.93 -7.33 -14.04
CA SER A 54 28.13 -6.15 -14.30
C SER A 54 29.01 -4.93 -14.23
N THR A 55 28.76 -3.98 -15.13
CA THR A 55 29.54 -2.78 -15.19
C THR A 55 28.76 -1.59 -15.73
N HIS A 56 28.88 -0.45 -15.09
CA HIS A 56 28.18 0.75 -15.54
C HIS A 56 29.14 1.91 -15.52
N ARG A 57 28.95 2.83 -16.45
CA ARG A 57 29.67 4.09 -16.39
C ARG A 57 28.63 5.17 -16.24
N VAL A 58 28.81 6.03 -15.24
CA VAL A 58 27.92 7.17 -15.05
C VAL A 58 28.68 8.45 -14.77
N PRO A 59 28.07 9.59 -15.07
CA PRO A 59 28.64 10.91 -14.85
C PRO A 59 28.99 11.20 -13.41
N VAL A 60 28.00 11.03 -12.54
CA VAL A 60 28.13 11.39 -11.14
C VAL A 60 27.63 10.24 -10.27
N LEU A 61 28.40 9.90 -9.25
CA LEU A 61 28.04 8.83 -8.33
C LEU A 61 28.15 9.35 -6.90
N MET A 62 27.15 9.01 -6.08
CA MET A 62 27.08 9.48 -4.72
C MET A 62 26.29 8.50 -3.90
N PRO A 63 26.38 8.60 -2.57
CA PRO A 63 25.61 7.69 -1.76
C PRO A 63 24.12 7.99 -1.78
N GLY A 64 23.33 6.97 -1.48
CA GLY A 64 21.89 7.10 -1.37
C GLY A 64 21.49 8.14 -0.35
N LEU A 65 20.43 8.89 -0.69
CA LEU A 65 19.97 10.01 0.11
C LEU A 65 19.09 9.58 1.27
N TRP A 66 19.15 10.38 2.33
CA TRP A 66 18.32 10.22 3.51
C TRP A 66 17.47 11.46 3.68
N ASP A 67 16.17 11.24 3.97
CA ASP A 67 15.43 12.26 4.66
C ASP A 67 15.24 11.83 6.10
N CYS A 68 15.48 12.75 7.03
CA CYS A 68 15.51 12.42 8.44
C CYS A 68 14.27 12.86 9.23
N HIS A 69 13.28 13.49 8.58
CA HIS A 69 12.01 13.82 9.24
C HIS A 69 10.90 13.55 8.23
N MET A 70 10.28 12.40 8.34
CA MET A 70 9.23 12.03 7.43
C MET A 70 8.06 11.55 8.25
N HIS A 71 6.88 11.53 7.66
CA HIS A 71 5.68 11.24 8.42
C HIS A 71 4.84 10.23 7.66
N PHE A 72 4.99 8.94 7.97
CA PHE A 72 4.23 7.88 7.31
C PHE A 72 2.73 7.88 7.66
N GLY A 73 1.99 8.80 7.08
CA GLY A 73 0.58 8.97 7.42
C GLY A 73 -0.40 8.34 6.45
N GLY A 74 -0.19 8.57 5.15
CA GLY A 74 -1.14 8.09 4.16
C GLY A 74 -2.59 8.49 4.40
N ASP A 75 -2.77 9.70 4.91
CA ASP A 75 -4.08 10.19 5.34
C ASP A 75 -5.06 10.30 4.16
N ASP A 76 -6.35 10.07 4.42
CA ASP A 76 -7.40 10.44 3.47
C ASP A 76 -7.41 11.96 3.39
N ASP A 77 -7.81 12.50 2.24
CA ASP A 77 -7.78 13.95 2.00
C ASP A 77 -9.01 14.69 2.56
N TYR A 78 -9.77 14.01 3.41
CA TYR A 78 -11.01 14.58 3.90
C TYR A 78 -10.84 15.65 4.99
N TYR A 79 -10.07 15.34 6.02
CA TYR A 79 -9.87 16.28 7.11
C TYR A 79 -8.55 17.05 6.93
N ASN A 80 -8.59 18.36 7.17
CA ASN A 80 -7.39 19.20 7.05
C ASN A 80 -6.40 19.02 8.20
N ASP A 81 -6.90 18.88 9.42
CA ASP A 81 -6.03 18.77 10.60
C ASP A 81 -5.69 17.30 10.93
N TYR A 82 -5.11 17.10 12.11
CA TYR A 82 -4.73 15.79 12.60
C TYR A 82 -5.88 14.78 12.71
N THR A 83 -7.13 15.26 12.67
CA THR A 83 -8.29 14.39 12.70
C THR A 83 -8.18 13.31 11.63
N SER A 84 -7.64 13.65 10.47
CA SER A 84 -7.41 12.66 9.42
C SER A 84 -6.57 11.48 9.95
N GLY A 85 -5.56 11.78 10.75
CA GLY A 85 -4.73 10.76 11.39
C GLY A 85 -5.53 9.66 12.08
N LEU A 86 -6.50 10.07 12.89
CA LEU A 86 -7.34 9.12 13.57
C LEU A 86 -8.42 8.50 12.65
N ALA A 87 -9.06 9.32 11.83
CA ALA A 87 -10.20 8.83 11.05
C ALA A 87 -9.83 7.87 9.91
N THR A 88 -8.63 8.08 9.33
CA THR A 88 -8.14 7.26 8.22
C THR A 88 -7.84 5.84 8.64
N HIS A 89 -8.42 4.91 7.91
CA HIS A 89 -8.23 3.51 8.22
C HIS A 89 -6.83 3.12 7.77
N PRO A 90 -6.10 2.38 8.61
CA PRO A 90 -4.69 2.17 8.29
C PRO A 90 -4.45 1.42 7.00
N ALA A 91 -5.41 0.61 6.56
CA ALA A 91 -5.36 0.01 5.22
C ALA A 91 -5.27 1.08 4.14
N SER A 92 -6.10 2.11 4.23
CA SER A 92 -6.04 3.15 3.23
C SER A 92 -4.66 3.77 3.30
N SER A 93 -4.21 4.06 4.51
CA SER A 93 -2.87 4.62 4.69
C SER A 93 -1.78 3.73 4.13
N GLY A 94 -1.87 2.45 4.40
CA GLY A 94 -0.85 1.51 3.94
C GLY A 94 -0.74 1.52 2.45
N ALA A 95 -1.89 1.40 1.77
CA ALA A 95 -1.94 1.43 0.31
C ALA A 95 -1.24 2.67 -0.23
N ARG A 96 -1.62 3.83 0.30
CA ARG A 96 -1.01 5.07 -0.15
C ARG A 96 0.49 5.11 0.15
N LEU A 97 0.91 4.60 1.31
CA LEU A 97 2.31 4.68 1.68
C LEU A 97 3.18 3.84 0.76
N ALA A 98 2.57 2.86 0.10
CA ALA A 98 3.26 2.05 -0.90
C ALA A 98 3.70 2.93 -2.05
N ARG A 99 2.76 3.67 -2.63
CA ARG A 99 3.08 4.54 -3.73
C ARG A 99 4.18 5.51 -3.36
N GLY A 100 4.07 6.06 -2.16
CA GLY A 100 5.04 7.02 -1.67
C GLY A 100 6.44 6.44 -1.54
N CYS A 101 6.55 5.23 -1.00
CA CYS A 101 7.85 4.61 -0.83
C CYS A 101 8.51 4.31 -2.18
N TRP A 102 7.71 3.88 -3.15
CA TRP A 102 8.17 3.70 -4.52
C TRP A 102 8.83 4.98 -5.03
N GLU A 103 8.06 6.07 -5.00
CA GLU A 103 8.52 7.33 -5.59
C GLU A 103 9.80 7.75 -4.88
N ALA A 104 9.82 7.61 -3.55
CA ALA A 104 11.00 7.91 -2.77
C ALA A 104 12.21 7.24 -3.36
N LEU A 105 12.12 5.92 -3.53
CA LEU A 105 13.25 5.16 -4.05
C LEU A 105 13.58 5.65 -5.46
N GLN A 106 12.55 5.80 -6.28
CA GLN A 106 12.72 6.29 -7.61
C GLN A 106 13.45 7.60 -7.63
N ASN A 107 13.45 8.35 -6.54
CA ASN A 107 14.20 9.63 -6.47
C ASN A 107 15.59 9.54 -5.84
N GLY A 108 16.05 8.34 -5.54
CA GLY A 108 17.36 8.16 -4.90
C GLY A 108 17.36 8.35 -3.39
N TYR A 109 16.20 8.25 -2.76
CA TYR A 109 16.13 8.25 -1.32
C TYR A 109 16.08 6.81 -0.89
N THR A 110 17.15 6.38 -0.23
CA THR A 110 17.34 5.00 0.18
C THR A 110 17.19 4.78 1.70
N SER A 111 17.03 5.88 2.44
CA SER A 111 16.78 5.79 3.85
C SER A 111 15.85 6.91 4.30
N TYR A 112 14.87 6.56 5.12
CA TYR A 112 13.95 7.51 5.69
C TYR A 112 13.94 7.32 7.23
N ARG A 113 13.81 8.42 7.96
CA ARG A 113 13.53 8.31 9.38
C ARG A 113 12.11 8.79 9.57
N ASP A 114 11.19 7.87 9.80
CA ASP A 114 9.77 8.22 9.98
C ASP A 114 9.54 8.58 11.43
N LEU A 115 9.22 9.84 11.70
CA LEU A 115 9.03 10.31 13.07
C LEU A 115 7.63 10.11 13.61
N ALA A 116 6.59 10.07 12.81
CA ALA A 116 5.28 9.62 13.29
C ALA A 116 4.51 8.88 12.21
N GLY A 117 3.92 7.74 12.53
CA GLY A 117 3.15 6.98 11.53
C GLY A 117 3.31 5.47 11.55
N TYR A 118 3.05 4.87 10.40
CA TYR A 118 3.01 3.42 10.29
C TYR A 118 4.31 2.81 9.75
N GLY A 119 5.38 3.59 9.82
CA GLY A 119 6.68 3.17 9.32
C GLY A 119 7.01 1.74 9.72
N CYS A 120 6.82 1.40 10.98
CA CYS A 120 7.09 0.05 11.41
C CYS A 120 6.25 -0.96 10.69
N GLU A 121 4.94 -0.69 10.59
CA GLU A 121 4.01 -1.66 10.00
C GLU A 121 4.17 -1.81 8.49
N VAL A 122 4.66 -0.75 7.86
CA VAL A 122 4.85 -0.76 6.42
C VAL A 122 6.21 -1.34 6.08
N ALA A 123 7.20 -1.12 6.93
CA ALA A 123 8.55 -1.56 6.65
C ALA A 123 8.60 -3.07 6.52
N LYS A 124 7.59 -3.74 7.04
CA LYS A 124 7.53 -5.20 6.85
C LYS A 124 7.02 -5.62 5.52
N ALA A 125 6.28 -4.78 4.80
CA ALA A 125 5.87 -5.12 3.46
C ALA A 125 7.02 -4.80 2.49
N ILE A 126 7.84 -3.82 2.87
CA ILE A 126 9.14 -3.59 2.22
C ILE A 126 10.05 -4.81 2.42
N ASN A 127 10.21 -5.21 3.68
CA ASN A 127 11.23 -6.18 4.02
C ASN A 127 10.98 -7.57 3.58
N ASP A 128 9.71 -7.94 3.37
CA ASP A 128 9.43 -9.25 2.77
C ASP A 128 9.41 -9.13 1.26
N GLY A 129 9.65 -7.91 0.76
CA GLY A 129 9.80 -7.68 -0.66
C GLY A 129 8.49 -7.67 -1.41
N THR A 130 7.40 -7.46 -0.70
CA THR A 130 6.11 -7.38 -1.32
C THR A 130 6.00 -6.04 -2.05
N ILE A 131 6.74 -5.06 -1.56
CA ILE A 131 6.84 -3.78 -2.25
C ILE A 131 8.25 -3.31 -2.03
N VAL A 132 8.55 -2.12 -2.52
CA VAL A 132 9.91 -1.63 -2.46
C VAL A 132 9.87 -0.27 -1.81
N GLY A 133 10.99 0.13 -1.22
CA GLY A 133 11.02 1.42 -0.61
C GLY A 133 12.35 1.63 0.01
N PRO A 134 12.56 2.82 0.58
CA PRO A 134 13.83 3.08 1.24
C PRO A 134 13.98 2.21 2.47
N ASN A 135 15.16 2.26 3.08
CA ASN A 135 15.35 1.73 4.42
C ASN A 135 14.53 2.59 5.35
N VAL A 136 13.71 1.97 6.18
CA VAL A 136 12.85 2.75 7.06
C VAL A 136 13.23 2.57 8.52
N TYR A 137 13.45 3.70 9.19
CA TYR A 137 13.76 3.75 10.62
C TYR A 137 12.66 4.57 11.29
N SER A 138 11.65 3.88 11.84
CA SER A 138 10.41 4.49 12.30
C SER A 138 10.47 4.69 13.82
N SER A 139 9.68 5.61 14.32
CA SER A 139 9.56 5.83 15.74
C SER A 139 8.28 5.23 16.26
N GLY A 140 7.58 4.49 15.40
CA GLY A 140 6.18 4.16 15.64
C GLY A 140 5.48 5.48 15.80
N ALA A 141 4.75 5.62 16.90
CA ALA A 141 4.08 6.88 17.24
C ALA A 141 5.01 7.91 17.90
N ALA A 142 4.70 9.17 17.62
CA ALA A 142 5.26 10.26 18.37
C ALA A 142 4.59 10.30 19.73
N LEU A 143 5.39 10.45 20.75
CA LEU A 143 4.89 10.55 22.10
C LEU A 143 4.60 11.99 22.38
N SER A 144 3.41 12.24 22.88
CA SER A 144 3.00 13.60 23.23
C SER A 144 2.27 13.54 24.58
N GLN A 145 2.39 14.60 25.38
CA GLN A 145 1.54 14.75 26.55
C GLN A 145 0.11 15.07 26.08
N THR A 146 -0.84 14.90 26.98
CA THR A 146 -2.19 15.38 26.79
C THR A 146 -2.06 16.88 26.55
N ALA A 147 -2.86 17.43 25.65
CA ALA A 147 -2.74 18.85 25.31
C ALA A 147 -1.38 19.20 24.70
N GLY A 148 -0.65 18.18 24.28
CA GLY A 148 0.64 18.37 23.64
C GLY A 148 0.49 18.60 22.14
N HIS A 149 1.63 18.80 21.49
CA HIS A 149 1.66 19.09 20.06
C HIS A 149 1.05 17.96 19.28
N GLY A 150 1.23 16.74 19.79
CA GLY A 150 0.56 15.58 19.20
C GLY A 150 -0.96 15.59 19.26
N ASP A 151 -1.53 16.26 20.25
CA ASP A 151 -2.94 16.14 20.53
C ASP A 151 -3.86 16.72 19.42
N ILE A 152 -5.01 16.08 19.25
CA ILE A 152 -6.06 16.52 18.30
C ILE A 152 -7.07 17.34 19.07
N PHE A 153 -6.88 18.65 19.10
CA PHE A 153 -7.65 19.51 19.97
C PHE A 153 -9.09 19.63 19.56
N ALA A 154 -9.36 19.42 18.29
CA ALA A 154 -10.71 19.59 17.80
C ALA A 154 -11.62 18.41 18.17
N LEU A 155 -11.05 17.37 18.77
CA LEU A 155 -11.85 16.25 19.23
C LEU A 155 -11.94 16.20 20.74
N PRO A 156 -13.03 15.61 21.25
CA PRO A 156 -13.15 15.47 22.68
C PRO A 156 -12.01 14.65 23.22
N ALA A 157 -11.55 14.98 24.44
CA ALA A 157 -10.37 14.29 24.99
C ALA A 157 -10.54 12.76 25.02
N GLY A 158 -11.75 12.30 25.27
CA GLY A 158 -11.99 10.87 25.42
C GLY A 158 -11.77 10.12 24.13
N GLU A 159 -12.16 10.73 23.03
CA GLU A 159 -12.02 10.02 21.78
C GLU A 159 -10.58 9.81 21.49
N VAL A 160 -9.79 10.84 21.80
CA VAL A 160 -8.36 10.86 21.52
C VAL A 160 -7.61 9.89 22.42
N LEU A 161 -7.92 9.87 23.72
CA LEU A 161 -7.16 9.00 24.62
C LEU A 161 -7.58 7.56 24.54
N GLY A 162 -8.83 7.31 24.19
CA GLY A 162 -9.26 5.98 23.79
C GLY A 162 -8.43 5.43 22.64
N SER A 163 -8.20 6.23 21.61
CA SER A 163 -7.42 5.76 20.49
C SER A 163 -5.93 5.67 20.87
N TYR A 164 -5.40 6.65 21.57
CA TYR A 164 -3.96 6.78 21.65
C TYR A 164 -3.33 6.74 23.03
N GLY A 165 -4.13 6.53 24.06
CA GLY A 165 -3.59 6.39 25.40
C GLY A 165 -2.87 5.07 25.67
N VAL A 166 -2.10 5.00 26.76
CA VAL A 166 -1.37 3.80 27.14
C VAL A 166 -2.06 3.04 28.27
N MET A 167 -3.36 3.24 28.40
CA MET A 167 -4.17 2.66 29.47
C MET A 167 -5.33 1.94 28.78
N ASN A 168 -5.97 1.00 29.46
CA ASN A 168 -7.14 0.33 28.85
C ASN A 168 -6.84 -0.37 27.55
N PRO A 169 -6.02 -1.41 27.64
CA PRO A 169 -5.85 -2.18 26.44
C PRO A 169 -7.19 -2.73 25.89
N ARG A 170 -7.23 -2.99 24.60
CA ARG A 170 -8.44 -3.38 23.94
C ARG A 170 -8.16 -4.00 22.57
N PRO A 171 -9.16 -4.66 22.00
CA PRO A 171 -9.06 -4.98 20.59
C PRO A 171 -8.97 -3.71 19.69
N GLY A 172 -8.48 -3.87 18.45
CA GLY A 172 -8.32 -2.76 17.50
C GLY A 172 -6.94 -2.09 17.51
N TYR A 173 -5.89 -2.90 17.66
CA TYR A 173 -4.49 -2.48 17.45
C TYR A 173 -4.10 -1.37 18.41
N TRP A 174 -4.57 -1.52 19.63
CA TRP A 174 -4.12 -0.68 20.69
C TRP A 174 -2.60 -0.58 20.63
N GLY A 175 -2.08 0.61 20.88
CA GLY A 175 -0.63 0.82 20.98
C GLY A 175 0.07 0.95 19.65
N ALA A 176 -0.70 0.89 18.57
CA ALA A 176 -0.10 0.90 17.22
C ALA A 176 -0.74 1.96 16.32
N GLY A 177 -0.72 3.22 16.76
CA GLY A 177 -1.20 4.35 15.96
C GLY A 177 -0.09 5.32 15.57
N PRO A 178 -0.46 6.48 15.01
CA PRO A 178 0.54 7.49 14.68
C PRO A 178 0.97 8.32 15.86
N LEU A 179 0.24 8.17 16.94
CA LEU A 179 0.31 9.06 18.08
C LEU A 179 0.13 8.28 19.37
N CYS A 180 0.76 8.76 20.42
CA CYS A 180 0.71 8.08 21.68
C CYS A 180 0.73 9.09 22.79
N ILE A 181 -0.34 9.09 23.58
CA ILE A 181 -0.51 10.07 24.60
C ILE A 181 -0.30 9.49 25.96
N ALA A 182 0.76 9.99 26.58
CA ALA A 182 1.11 9.54 27.91
C ALA A 182 1.30 10.73 28.83
N ASP A 183 0.82 10.59 30.06
CA ASP A 183 1.05 11.56 31.08
C ASP A 183 1.61 10.86 32.31
N GLY A 184 2.75 11.34 32.78
CA GLY A 184 3.34 10.80 34.00
C GLY A 184 4.40 9.74 33.75
N VAL A 185 5.24 9.54 34.74
CA VAL A 185 6.43 8.74 34.56
C VAL A 185 6.04 7.32 34.25
N GLU A 186 4.96 6.86 34.88
CA GLU A 186 4.52 5.48 34.71
C GLU A 186 4.05 5.29 33.29
N GLU A 187 3.25 6.22 32.80
CA GLU A 187 2.69 6.07 31.47
C GLU A 187 3.73 6.18 30.35
N VAL A 188 4.74 7.03 30.51
CA VAL A 188 5.72 7.22 29.43
C VAL A 188 6.55 5.96 29.26
N ARG A 189 6.69 5.18 30.33
CA ARG A 189 7.43 3.94 30.24
C ARG A 189 6.77 2.99 29.28
N ARG A 190 5.46 2.82 29.41
CA ARG A 190 4.75 1.99 28.48
C ARG A 190 4.76 2.57 27.06
N ALA A 191 4.62 3.89 26.96
CA ALA A 191 4.64 4.54 25.66
C ALA A 191 5.93 4.20 24.89
N VAL A 192 7.09 4.33 25.54
CA VAL A 192 8.36 4.06 24.85
C VAL A 192 8.34 2.61 24.45
N ARG A 193 7.95 1.78 25.38
CA ARG A 193 7.99 0.35 25.16
C ARG A 193 7.02 -0.07 24.08
N LEU A 194 5.81 0.50 24.06
CA LEU A 194 4.88 0.19 22.96
C LEU A 194 5.45 0.41 21.55
N GLN A 195 6.27 1.43 21.37
CA GLN A 195 6.89 1.65 20.07
C GLN A 195 7.96 0.60 19.80
N ILE A 196 8.77 0.29 20.79
CA ILE A 196 9.80 -0.73 20.58
C ILE A 196 9.13 -2.03 20.13
N ARG A 197 8.02 -2.38 20.77
CA ARG A 197 7.21 -3.52 20.37
C ARG A 197 6.88 -3.59 18.90
N ARG A 198 6.66 -2.44 18.28
CA ARG A 198 6.34 -2.39 16.87
C ARG A 198 7.61 -2.53 16.03
N GLY A 199 8.76 -2.50 16.68
CA GLY A 199 10.00 -2.53 15.94
C GLY A 199 10.66 -1.18 15.72
N ALA A 200 10.20 -0.13 16.39
CA ALA A 200 10.78 1.21 16.18
C ALA A 200 12.28 1.33 16.48
N LYS A 201 13.00 2.02 15.62
CA LYS A 201 14.45 2.18 15.77
C LYS A 201 14.90 3.60 16.20
N VAL A 202 13.91 4.39 16.61
CA VAL A 202 14.18 5.68 17.16
C VAL A 202 12.92 6.09 17.94
N ILE A 203 13.04 6.99 18.90
CA ILE A 203 11.87 7.45 19.61
C ILE A 203 11.64 8.92 19.39
N KCX A 204 10.39 9.29 19.13
CA KCX A 204 10.05 10.70 18.93
CB KCX A 204 9.38 10.89 17.59
CG KCX A 204 8.87 12.30 17.40
CD KCX A 204 9.95 13.26 16.90
CE KCX A 204 9.32 14.60 16.48
NZ KCX A 204 8.16 14.50 15.57
C KCX A 204 9.19 11.27 20.01
O KCX A 204 8.16 10.68 20.35
CX KCX A 204 7.64 15.56 14.89
OQ1 KCX A 204 6.64 15.39 14.13
OQ2 KCX A 204 8.12 16.73 14.99
N VAL A 205 9.63 12.40 20.58
CA VAL A 205 8.85 13.16 21.57
C VAL A 205 8.52 14.55 21.10
N MET A 206 7.35 15.04 21.51
CA MET A 206 7.02 16.43 21.33
C MET A 206 7.41 17.12 22.61
N ALA A 207 8.53 17.85 22.59
CA ALA A 207 9.09 18.47 23.79
C ALA A 207 8.80 19.96 23.85
N SER A 208 7.96 20.42 22.92
CA SER A 208 7.51 21.82 22.86
C SER A 208 6.25 21.96 22.00
N GLY A 209 5.57 23.09 22.14
CA GLY A 209 4.37 23.34 21.35
C GLY A 209 4.68 23.37 19.87
N GLY A 210 3.70 23.08 19.01
CA GLY A 210 3.91 23.16 17.56
C GLY A 210 2.90 23.95 16.73
N VAL A 211 3.22 24.10 15.44
CA VAL A 211 2.44 24.95 14.55
C VAL A 211 1.28 24.15 13.95
N MET A 212 1.52 22.89 13.59
CA MET A 212 0.45 22.02 12.98
C MET A 212 -0.74 21.68 13.92
N SER A 213 -0.49 21.62 15.23
CA SER A 213 -1.55 21.37 16.21
C SER A 213 -2.27 22.68 16.48
N ARG A 214 -3.57 22.61 16.72
CA ARG A 214 -4.42 23.81 16.66
C ARG A 214 -4.29 24.85 17.84
N ASP A 215 -4.18 24.36 19.08
CA ASP A 215 -4.32 25.22 20.28
C ASP A 215 -2.99 25.59 20.93
N ASP A 216 -1.98 24.75 20.76
CA ASP A 216 -0.76 24.84 21.60
C ASP A 216 0.33 25.80 21.09
N ASN A 217 1.09 26.35 22.04
CA ASN A 217 2.01 27.47 21.78
C ASN A 217 3.46 26.98 21.72
N PRO A 218 4.15 27.27 20.59
CA PRO A 218 5.51 26.78 20.43
C PRO A 218 6.58 27.35 21.37
N ASN A 219 6.33 28.49 22.00
CA ASN A 219 7.30 28.98 22.97
C ASN A 219 7.54 28.09 24.18
N PHE A 220 6.49 27.39 24.60
CA PHE A 220 6.51 26.66 25.89
C PHE A 220 6.98 25.22 25.74
N ALA A 221 7.56 24.69 26.81
CA ALA A 221 8.03 23.30 26.84
C ALA A 221 6.86 22.37 27.01
N GLN A 222 7.11 21.07 26.80
CA GLN A 222 6.11 20.02 26.99
C GLN A 222 6.76 18.81 27.55
N PHE A 223 5.96 18.01 28.25
CA PHE A 223 6.45 16.99 29.17
C PHE A 223 7.25 17.62 30.32
N SER A 224 7.36 16.87 31.41
CA SER A 224 8.20 17.30 32.51
C SER A 224 9.63 16.88 32.21
N PRO A 225 10.62 17.54 32.81
CA PRO A 225 11.98 17.02 32.78
C PRO A 225 12.02 15.59 33.27
N GLU A 226 11.25 15.33 34.33
CA GLU A 226 11.04 14.01 34.89
C GLU A 226 10.59 13.00 33.81
N GLU A 227 9.53 13.32 33.07
CA GLU A 227 9.04 12.41 32.04
C GLU A 227 10.05 12.16 30.93
N LEU A 228 10.70 13.22 30.48
CA LEU A 228 11.71 13.12 29.39
C LEU A 228 12.93 12.29 29.79
N LYS A 229 13.43 12.48 31.02
CA LYS A 229 14.56 11.69 31.50
C LYS A 229 14.27 10.19 31.35
N VAL A 230 13.07 9.82 31.74
CA VAL A 230 12.64 8.44 31.68
C VAL A 230 12.53 7.99 30.25
N ILE A 231 11.94 8.81 29.41
CA ILE A 231 11.79 8.43 28.01
C ILE A 231 13.15 8.16 27.39
N VAL A 232 14.13 9.02 27.66
CA VAL A 232 15.50 8.83 27.15
C VAL A 232 16.11 7.54 27.64
N GLU A 233 16.02 7.30 28.95
CA GLU A 233 16.57 6.12 29.60
C GLU A 233 15.96 4.84 29.05
N GLU A 234 14.65 4.86 28.84
CA GLU A 234 13.92 3.72 28.22
C GLU A 234 14.40 3.43 26.83
N ALA A 235 14.63 4.48 26.06
CA ALA A 235 15.17 4.32 24.74
C ALA A 235 16.60 3.79 24.83
N ALA A 236 17.40 4.41 25.69
CA ALA A 236 18.82 4.09 25.82
C ALA A 236 19.09 2.61 26.13
N ARG A 237 18.17 2.01 26.85
CA ARG A 237 18.30 0.63 27.35
C ARG A 237 18.09 -0.34 26.22
N GLN A 238 17.37 0.08 25.19
CA GLN A 238 17.19 -0.73 23.99
C GLN A 238 18.05 -0.18 22.84
N ASN A 239 18.94 0.74 23.17
CA ASN A 239 19.90 1.29 22.23
C ASN A 239 19.30 2.14 21.17
N ARG A 240 18.18 2.73 21.48
CA ARG A 240 17.61 3.77 20.66
C ARG A 240 18.06 5.10 21.22
N ILE A 241 17.84 6.14 20.45
CA ILE A 241 17.99 7.50 20.94
C ILE A 241 16.66 8.22 20.72
N VAL A 242 16.54 9.38 21.35
CA VAL A 242 15.31 10.13 21.27
C VAL A 242 15.51 11.34 20.41
N SER A 243 14.58 11.55 19.48
CA SER A 243 14.52 12.76 18.69
C SER A 243 13.39 13.62 19.16
N ALA A 244 13.72 14.86 19.48
CA ALA A 244 12.80 15.77 20.09
C ALA A 244 12.43 16.90 19.15
N HIS A 245 11.13 17.14 19.04
CA HIS A 245 10.59 18.24 18.28
C HIS A 245 10.52 19.41 19.20
N VAL A 246 11.18 20.50 18.83
CA VAL A 246 11.27 21.65 19.74
C VAL A 246 11.33 22.95 18.99
N HIS A 247 10.67 23.97 19.53
CA HIS A 247 10.71 25.30 18.99
C HIS A 247 11.28 26.27 20.05
N GLY A 248 10.51 26.53 21.11
CA GLY A 248 10.90 27.50 22.12
C GLY A 248 12.20 27.08 22.76
N LYS A 249 12.96 28.03 23.31
CA LYS A 249 14.22 27.69 23.97
C LYS A 249 13.99 26.77 25.18
N ALA A 250 12.97 27.09 25.97
CA ALA A 250 12.54 26.25 27.08
C ALA A 250 12.50 24.73 26.77
N GLY A 251 11.86 24.35 25.65
CA GLY A 251 11.73 22.95 25.28
C GLY A 251 13.05 22.39 24.80
N ILE A 252 13.76 23.19 24.00
CA ILE A 252 15.09 22.86 23.51
C ILE A 252 16.04 22.48 24.65
N MET A 253 16.17 23.35 25.65
CA MET A 253 17.07 23.07 26.78
C MET A 253 16.59 21.87 27.65
N ALA A 254 15.28 21.66 27.73
CA ALA A 254 14.79 20.55 28.48
C ALA A 254 15.11 19.25 27.77
N ALA A 255 15.12 19.30 26.44
CA ALA A 255 15.37 18.10 25.64
C ALA A 255 16.83 17.74 25.74
N ILE A 256 17.68 18.76 25.71
CA ILE A 256 19.11 18.59 25.85
C ILE A 256 19.51 18.07 27.24
N LYS A 257 18.82 18.57 28.26
CA LYS A 257 19.09 18.12 29.61
C LYS A 257 18.70 16.68 29.81
N ALA A 258 17.58 16.29 29.22
CA ALA A 258 17.12 14.90 29.31
C ALA A 258 18.01 13.89 28.58
N GLY A 259 18.80 14.33 27.62
CA GLY A 259 19.69 13.45 26.85
C GLY A 259 19.20 13.12 25.46
N CYS A 260 18.32 13.94 24.90
CA CYS A 260 17.87 13.73 23.53
C CYS A 260 19.05 14.03 22.62
N LYS A 261 19.11 13.37 21.48
CA LYS A 261 20.29 13.45 20.61
C LYS A 261 20.00 13.96 19.22
N SER A 262 18.74 14.15 18.89
CA SER A 262 18.36 14.80 17.67
C SER A 262 17.33 15.86 18.04
N LEU A 263 17.41 17.05 17.47
CA LEU A 263 16.36 18.06 17.66
C LEU A 263 15.78 18.46 16.30
N GLU A 264 14.46 18.67 16.26
CA GLU A 264 13.78 19.04 15.01
C GLU A 264 13.32 20.47 15.05
N HIS A 265 13.53 21.18 13.95
CA HIS A 265 13.17 22.58 13.82
C HIS A 265 14.10 23.50 14.64
N VAL A 266 14.06 23.33 15.94
CA VAL A 266 14.98 24.04 16.81
C VAL A 266 14.89 25.54 16.54
N SER A 267 13.67 26.01 16.33
CA SER A 267 13.46 27.36 15.85
C SER A 267 14.13 28.48 16.68
N TYR A 268 14.18 28.38 18.01
CA TYR A 268 14.72 29.47 18.82
C TYR A 268 16.14 29.17 19.29
N ALA A 269 16.86 28.36 18.52
CA ALA A 269 18.25 28.09 18.85
C ALA A 269 19.06 29.36 18.77
N ASP A 270 19.98 29.51 19.72
CA ASP A 270 20.84 30.69 19.81
C ASP A 270 22.24 30.23 20.18
N GLU A 271 23.12 31.20 20.45
CA GLU A 271 24.52 30.91 20.74
C GLU A 271 24.68 29.79 21.78
N GLU A 272 23.88 29.86 22.83
CA GLU A 272 23.95 28.88 23.90
C GLU A 272 23.58 27.48 23.45
N VAL A 273 22.57 27.38 22.61
CA VAL A 273 22.08 26.09 22.11
C VAL A 273 23.07 25.43 21.17
N TRP A 274 23.69 26.20 20.29
CA TRP A 274 24.65 25.63 19.36
C TRP A 274 25.85 25.06 20.09
N GLU A 275 26.42 25.82 21.03
CA GLU A 275 27.59 25.36 21.78
C GLU A 275 27.29 24.09 22.56
N LEU A 276 26.04 23.95 22.97
CA LEU A 276 25.61 22.75 23.64
C LEU A 276 25.52 21.58 22.68
N MET A 277 24.78 21.75 21.59
CA MET A 277 24.55 20.65 20.67
C MET A 277 25.87 20.07 20.18
N LYS A 278 26.88 20.93 20.02
CA LYS A 278 28.25 20.48 19.67
C LYS A 278 28.87 19.75 20.84
N GLU A 279 28.93 20.43 21.99
CA GLU A 279 29.60 19.93 23.17
C GLU A 279 29.02 18.56 23.51
N LYS A 280 27.73 18.38 23.29
CA LYS A 280 27.04 17.12 23.59
C LYS A 280 26.80 16.24 22.37
N GLY A 281 27.08 16.73 21.17
CA GLY A 281 26.99 15.89 20.00
C GLY A 281 25.56 15.53 19.62
N ILE A 282 24.76 16.58 19.50
CA ILE A 282 23.36 16.43 19.18
C ILE A 282 23.10 16.89 17.75
N LEU A 283 22.41 16.04 17.01
CA LEU A 283 22.03 16.33 15.64
C LEU A 283 20.99 17.44 15.57
N TYR A 284 21.20 18.38 14.65
CA TYR A 284 20.28 19.48 14.41
C TYR A 284 19.63 19.18 13.07
N VAL A 285 18.30 19.15 13.04
CA VAL A 285 17.55 18.93 11.82
C VAL A 285 16.57 20.07 11.70
N ALA A 286 16.79 20.98 10.77
CA ALA A 286 16.01 22.19 10.68
C ALA A 286 14.58 21.96 10.16
N THR A 287 14.42 21.12 9.13
CA THR A 287 13.12 20.93 8.49
C THR A 287 12.56 22.25 7.96
N ARG A 288 13.31 22.87 7.08
CA ARG A 288 12.98 24.21 6.64
C ARG A 288 11.86 24.15 5.63
N SER A 289 11.84 23.08 4.84
CA SER A 289 10.87 22.95 3.74
C SER A 289 9.49 23.41 4.14
N VAL A 290 8.98 22.89 5.23
CA VAL A 290 7.63 23.21 5.67
C VAL A 290 7.41 24.73 5.70
N ILE A 291 8.30 25.46 6.37
CA ILE A 291 8.18 26.92 6.51
C ILE A 291 8.16 27.61 5.14
N GLU A 292 9.16 27.33 4.32
CA GLU A 292 9.23 27.97 3.00
C GLU A 292 8.05 27.59 2.12
N ILE A 293 7.58 26.34 2.19
CA ILE A 293 6.45 25.89 1.37
C ILE A 293 5.21 26.72 1.69
N PHE A 294 5.02 27.04 2.95
CA PHE A 294 3.78 27.71 3.32
C PHE A 294 3.91 29.22 3.32
N LEU A 295 5.12 29.75 3.55
CA LEU A 295 5.37 31.18 3.32
C LEU A 295 5.01 31.54 1.89
N ALA A 296 5.46 30.72 0.93
CA ALA A 296 5.16 30.90 -0.49
C ALA A 296 3.68 30.64 -0.81
N SER A 297 3.13 29.65 -0.14
CA SER A 297 1.70 29.33 -0.26
C SER A 297 0.83 30.49 0.27
N ASN A 298 1.42 31.26 1.19
CA ASN A 298 0.69 32.24 1.96
C ASN A 298 -0.56 31.69 2.67
N GLY A 299 -0.44 30.47 3.20
CA GLY A 299 -1.49 29.81 3.99
C GLY A 299 -2.52 28.92 3.28
N GLU A 300 -2.40 28.71 1.96
CA GLU A 300 -3.16 27.64 1.27
C GLU A 300 -2.72 26.28 1.85
N GLY A 301 -3.70 25.43 2.12
CA GLY A 301 -3.43 24.07 2.61
C GLY A 301 -3.53 23.90 4.12
N LEU A 302 -3.39 25.01 4.87
CA LEU A 302 -3.39 24.98 6.35
C LEU A 302 -4.73 25.40 6.97
N VAL A 303 -4.81 25.27 8.29
CA VAL A 303 -5.91 25.83 9.09
C VAL A 303 -5.48 27.23 9.55
N LYS A 304 -6.45 28.14 9.71
CA LYS A 304 -6.21 29.59 9.97
C LYS A 304 -5.41 29.91 11.25
N GLU A 305 -5.39 28.97 12.21
CA GLU A 305 -4.63 29.08 13.48
C GLU A 305 -3.14 28.69 13.36
N SER A 306 -2.72 28.40 12.14
CA SER A 306 -1.32 28.13 11.82
C SER A 306 -0.66 29.42 11.30
N TRP A 307 -1.19 30.58 11.70
CA TRP A 307 -0.47 31.86 11.63
C TRP A 307 0.59 31.86 12.75
N ALA A 308 0.50 30.86 13.65
CA ALA A 308 1.48 30.59 14.73
C ALA A 308 2.91 30.68 14.21
N LYS A 309 3.12 30.11 13.03
CA LYS A 309 4.41 30.16 12.36
C LYS A 309 4.82 31.60 12.15
N LEU A 310 3.87 32.40 11.67
CA LEU A 310 4.02 33.83 11.65
C LEU A 310 5.28 34.13 10.85
N GLN A 311 5.83 35.34 11.01
CA GLN A 311 7.17 35.63 10.52
C GLN A 311 8.18 35.73 11.67
N ALA A 312 7.68 35.93 12.90
CA ALA A 312 8.49 35.88 14.12
C ALA A 312 9.13 34.51 14.24
N LEU A 313 8.30 33.47 14.13
CA LEU A 313 8.82 32.12 14.10
C LEU A 313 9.65 31.86 12.83
N ALA A 314 9.13 32.24 11.67
CA ALA A 314 9.83 31.92 10.42
C ALA A 314 11.25 32.52 10.43
N ASP A 315 11.37 33.78 10.87
CA ASP A 315 12.67 34.45 10.89
C ASP A 315 13.57 33.82 11.91
N SER A 316 13.09 33.73 13.15
CA SER A 316 13.87 33.10 14.22
C SER A 316 14.45 31.77 13.74
N HIS A 317 13.58 30.94 13.16
CA HIS A 317 13.98 29.63 12.70
C HIS A 317 15.16 29.66 11.73
N LEU A 318 15.14 30.64 10.84
CA LEU A 318 16.17 30.81 9.83
C LEU A 318 17.47 31.14 10.51
N LYS A 319 17.46 32.17 11.37
CA LYS A 319 18.65 32.55 12.14
C LYS A 319 19.23 31.36 12.89
N ALA A 320 18.38 30.58 13.52
CA ALA A 320 18.82 29.40 14.22
C ALA A 320 19.60 28.49 13.29
N TYR A 321 19.02 28.19 12.13
CA TYR A 321 19.63 27.26 11.16
C TYR A 321 20.94 27.82 10.65
N GLN A 322 20.93 29.10 10.28
CA GLN A 322 22.13 29.78 9.76
C GLN A 322 23.26 29.79 10.75
N GLY A 323 22.98 30.29 11.95
CA GLY A 323 23.99 30.36 13.00
C GLY A 323 24.50 29.00 13.44
N ALA A 324 23.64 27.98 13.35
CA ALA A 324 24.01 26.63 13.70
C ALA A 324 25.05 26.12 12.71
N ILE A 325 24.80 26.39 11.43
CA ILE A 325 25.73 26.09 10.36
C ILE A 325 27.06 26.81 10.63
N LYS A 326 27.01 28.13 10.71
CA LYS A 326 28.19 28.95 10.98
C LYS A 326 28.94 28.46 12.20
N ALA A 327 28.21 28.11 13.25
CA ALA A 327 28.86 27.65 14.46
C ALA A 327 29.40 26.22 14.37
N GLY A 328 29.11 25.52 13.27
CA GLY A 328 29.59 24.14 13.08
C GLY A 328 28.87 23.01 13.82
N VAL A 329 27.57 23.15 14.02
CA VAL A 329 26.75 22.08 14.61
C VAL A 329 26.59 21.00 13.57
N THR A 330 26.67 19.75 13.98
CA THR A 330 26.34 18.68 13.05
C THR A 330 24.90 18.76 12.54
N ILE A 331 24.73 18.68 11.22
CA ILE A 331 23.42 18.88 10.64
C ILE A 331 23.02 17.75 9.72
N ALA A 332 21.74 17.43 9.74
CA ALA A 332 21.12 16.57 8.73
C ALA A 332 19.83 17.19 8.24
N LEU A 333 19.23 16.53 7.25
CA LEU A 333 18.16 17.15 6.47
C LEU A 333 16.90 16.37 6.60
N GLY A 334 15.82 17.11 6.89
CA GLY A 334 14.52 16.51 6.98
C GLY A 334 13.51 17.44 6.35
N THR A 335 12.54 16.86 5.67
CA THR A 335 11.50 17.61 4.97
C THR A 335 10.20 17.77 5.74
N ASP A 336 9.86 16.79 6.57
CA ASP A 336 8.55 16.77 7.20
C ASP A 336 7.43 16.67 6.17
N THR A 337 7.40 15.59 5.42
CA THR A 337 6.31 15.28 4.49
C THR A 337 6.09 13.78 4.39
N ALA A 338 5.01 13.39 3.70
CA ALA A 338 4.75 12.00 3.38
C ALA A 338 5.84 11.40 2.49
N PRO A 339 5.94 10.07 2.47
CA PRO A 339 6.89 9.48 1.53
C PRO A 339 6.46 9.75 0.11
N GLY A 340 7.43 10.03 -0.76
CA GLY A 340 7.16 10.52 -2.12
C GLY A 340 7.05 12.02 -2.26
N GLY A 341 6.90 12.71 -1.13
CA GLY A 341 6.90 14.15 -1.11
C GLY A 341 8.21 14.77 -1.57
N PRO A 342 8.23 16.10 -1.67
CA PRO A 342 9.35 16.86 -2.19
C PRO A 342 10.49 16.99 -1.19
N THR A 343 11.14 15.87 -0.90
CA THR A 343 12.32 15.90 -0.05
C THR A 343 13.47 16.66 -0.68
N ALA A 344 13.63 16.54 -2.00
CA ALA A 344 14.73 17.22 -2.72
C ALA A 344 14.85 18.73 -2.42
N LEU A 345 13.73 19.36 -2.09
CA LEU A 345 13.70 20.78 -1.77
C LEU A 345 14.62 21.16 -0.63
N GLU A 346 14.69 20.30 0.38
CA GLU A 346 15.39 20.62 1.62
C GLU A 346 16.85 20.94 1.30
N LEU A 347 17.38 20.21 0.33
CA LEU A 347 18.73 20.45 -0.18
C LEU A 347 18.87 21.87 -0.66
N GLN A 348 17.96 22.27 -1.53
CA GLN A 348 17.97 23.61 -2.05
C GLN A 348 18.02 24.65 -0.93
N PHE A 349 17.15 24.49 0.06
CA PHE A 349 17.07 25.45 1.17
C PHE A 349 18.28 25.43 2.09
N ALA A 350 18.89 24.25 2.25
CA ALA A 350 20.18 24.14 2.94
C ALA A 350 21.16 25.16 2.38
N VAL A 351 21.33 25.09 1.07
CA VAL A 351 22.27 25.94 0.38
C VAL A 351 21.78 27.37 0.38
N GLU A 352 20.55 27.56 -0.06
CA GLU A 352 20.07 28.91 -0.34
C GLU A 352 19.64 29.68 0.90
N ARG A 353 19.21 29.00 1.95
CA ARG A 353 18.70 29.70 3.13
C ARG A 353 19.64 29.56 4.31
N GLY A 354 20.15 28.36 4.50
CA GLY A 354 21.07 28.12 5.61
C GLY A 354 22.44 28.61 5.21
N GLY A 355 22.69 28.61 3.90
CA GLY A 355 23.97 29.01 3.38
C GLY A 355 25.00 27.91 3.49
N MET A 356 24.67 26.70 3.08
CA MET A 356 25.71 25.71 2.91
C MET A 356 26.27 25.76 1.51
N THR A 357 27.45 25.14 1.36
CA THR A 357 27.92 24.77 0.05
C THR A 357 27.11 23.54 -0.35
N PRO A 358 26.91 23.34 -1.66
CA PRO A 358 26.29 22.10 -2.10
C PRO A 358 26.96 20.85 -1.51
N LEU A 359 28.28 20.87 -1.38
CA LEU A 359 29.02 19.72 -0.89
C LEU A 359 28.63 19.34 0.53
N GLU A 360 28.54 20.36 1.37
CA GLU A 360 28.05 20.21 2.75
C GLU A 360 26.58 19.79 2.83
N ALA A 361 25.73 20.33 1.96
CA ALA A 361 24.30 19.94 1.91
C ALA A 361 24.17 18.49 1.54
N ILE A 362 25.02 18.01 0.65
CA ILE A 362 25.02 16.60 0.31
C ILE A 362 25.41 15.77 1.54
N LYS A 363 26.42 16.25 2.26
CA LYS A 363 26.90 15.59 3.48
C LYS A 363 25.82 15.48 4.57
N ALA A 364 24.99 16.51 4.70
CA ALA A 364 23.91 16.50 5.65
C ALA A 364 22.80 15.51 5.21
N ALA A 365 22.66 15.32 3.92
CA ALA A 365 21.71 14.35 3.43
C ALA A 365 22.27 12.95 3.43
N THR A 366 23.58 12.76 3.51
CA THR A 366 24.15 11.41 3.36
C THR A 366 24.96 10.94 4.56
N ALA A 367 26.16 11.50 4.71
CA ALA A 367 27.14 11.03 5.68
C ALA A 367 26.69 11.26 7.08
N ASN A 368 26.09 12.41 7.34
CA ASN A 368 25.59 12.72 8.68
C ASN A 368 24.29 12.05 9.04
N ALA A 369 23.44 11.79 8.04
CA ALA A 369 22.05 11.36 8.28
C ALA A 369 21.84 10.12 9.15
N PRO A 370 22.71 9.10 9.05
CA PRO A 370 22.61 7.97 9.97
C PRO A 370 22.83 8.30 11.45
N LEU A 371 23.41 9.47 11.77
CA LEU A 371 23.51 9.89 13.19
C LEU A 371 22.14 10.06 13.77
N SER A 372 21.16 10.34 12.90
CA SER A 372 19.75 10.47 13.29
C SER A 372 19.11 9.23 13.92
N VAL A 373 19.76 8.07 13.87
CA VAL A 373 19.22 6.90 14.56
C VAL A 373 20.27 6.29 15.49
N GLY A 374 21.38 7.00 15.68
CA GLY A 374 22.45 6.55 16.57
C GLY A 374 22.89 5.11 16.35
N PRO A 375 22.85 4.29 17.41
CA PRO A 375 23.35 2.94 17.32
C PRO A 375 22.56 2.00 16.44
N GLN A 376 21.34 2.38 16.06
CA GLN A 376 20.54 1.55 15.15
C GLN A 376 20.99 1.62 13.69
N ALA A 377 21.96 2.50 13.42
CA ALA A 377 22.53 2.73 12.07
C ALA A 377 23.65 1.80 11.75
N PRO A 378 23.69 1.26 10.53
CA PRO A 378 24.92 0.55 10.20
C PRO A 378 25.97 1.54 9.70
N LEU A 379 27.04 1.02 9.11
CA LEU A 379 27.97 1.85 8.38
C LEU A 379 27.39 2.11 7.01
N THR A 380 27.01 3.36 6.77
CA THR A 380 26.22 3.68 5.57
C THR A 380 26.18 5.18 5.37
N GLY A 381 25.51 5.61 4.31
CA GLY A 381 25.40 7.03 3.98
C GLY A 381 26.68 7.62 3.45
N GLN A 382 27.63 6.75 3.07
CA GLN A 382 28.89 7.19 2.50
C GLN A 382 29.40 6.15 1.51
N LEU A 383 30.10 6.63 0.47
CA LEU A 383 30.68 5.75 -0.52
C LEU A 383 32.08 5.46 -0.05
N ARG A 384 32.22 4.38 0.71
CA ARG A 384 33.50 4.02 1.33
C ARG A 384 33.54 2.51 1.62
N GLU A 385 34.73 1.92 1.57
CA GLU A 385 34.89 0.46 1.72
C GLU A 385 34.31 -0.03 3.04
N GLY A 386 33.51 -1.09 2.97
CA GLY A 386 32.83 -1.66 4.14
C GLY A 386 31.43 -1.15 4.39
N TYR A 387 31.11 0.05 3.92
CA TYR A 387 29.79 0.67 4.12
C TYR A 387 28.78 0.01 3.24
N GLU A 388 27.53 0.20 3.59
CA GLU A 388 26.46 -0.49 2.92
C GLU A 388 26.28 0.06 1.51
N ALA A 389 26.07 -0.84 0.55
CA ALA A 389 25.96 -0.47 -0.85
C ALA A 389 24.61 0.19 -1.15
N ASP A 390 24.38 1.36 -0.59
CA ASP A 390 23.23 2.16 -0.98
C ASP A 390 23.82 3.30 -1.77
N VAL A 391 23.73 3.22 -3.09
CA VAL A 391 24.40 4.15 -4.02
C VAL A 391 23.46 4.59 -5.14
N ILE A 392 23.59 5.84 -5.55
CA ILE A 392 22.81 6.33 -6.68
C ILE A 392 23.66 7.02 -7.71
N ALA A 393 23.16 7.03 -8.93
CA ALA A 393 23.88 7.63 -10.04
C ALA A 393 23.10 8.77 -10.67
N LEU A 394 23.81 9.80 -11.10
CA LEU A 394 23.17 10.97 -11.70
C LEU A 394 23.61 11.24 -13.13
N GLU A 395 22.92 12.20 -13.74
CA GLU A 395 23.13 12.62 -15.12
C GLU A 395 23.78 14.00 -15.14
N GLU A 396 23.46 14.82 -14.14
CA GLU A 396 23.99 16.19 -14.03
C GLU A 396 24.75 16.37 -12.69
N ASN A 397 25.65 17.35 -12.64
CA ASN A 397 26.47 17.58 -11.46
C ASN A 397 25.76 18.48 -10.47
N PRO A 398 25.34 17.92 -9.33
CA PRO A 398 24.63 18.70 -8.32
C PRO A 398 25.45 19.81 -7.68
N LEU A 399 26.78 19.70 -7.74
CA LEU A 399 27.65 20.70 -7.15
C LEU A 399 27.53 22.03 -7.88
N GLU A 400 27.26 21.97 -9.19
CA GLU A 400 26.97 23.16 -10.00
C GLU A 400 25.55 23.64 -9.74
N ASP A 401 24.56 22.76 -9.94
CA ASP A 401 23.14 23.08 -9.67
C ASP A 401 22.53 22.07 -8.70
N ILE A 402 22.18 22.53 -7.51
CA ILE A 402 21.64 21.66 -6.45
C ILE A 402 20.16 21.30 -6.70
N LYS A 403 19.49 22.12 -7.48
CA LYS A 403 18.08 21.86 -7.82
C LYS A 403 17.91 20.62 -8.72
N VAL A 404 19.02 20.00 -9.11
CA VAL A 404 18.96 18.85 -9.99
C VAL A 404 18.15 17.72 -9.40
N PHE A 405 18.17 17.64 -8.07
CA PHE A 405 17.49 16.55 -7.35
C PHE A 405 15.98 16.63 -7.52
N GLN A 406 15.48 17.83 -7.78
CA GLN A 406 14.05 18.03 -8.00
C GLN A 406 13.56 17.45 -9.34
N GLU A 407 14.48 16.89 -10.13
CA GLU A 407 14.10 16.18 -11.32
C GLU A 407 14.35 14.69 -11.12
N PRO A 408 13.29 13.89 -10.86
CA PRO A 408 13.42 12.42 -10.65
C PRO A 408 14.09 11.64 -11.79
N LYS A 409 13.98 12.12 -13.03
CA LYS A 409 14.64 11.48 -14.18
C LYS A 409 16.16 11.63 -14.15
N ALA A 410 16.66 12.66 -13.44
CA ALA A 410 18.10 12.92 -13.25
C ALA A 410 18.82 11.85 -12.44
N VAL A 411 18.07 11.11 -11.66
CA VAL A 411 18.58 9.91 -11.00
C VAL A 411 18.36 8.70 -11.91
N THR A 412 19.44 8.05 -12.32
CA THR A 412 19.32 6.98 -13.31
C THR A 412 19.53 5.62 -12.72
N HIS A 413 20.24 5.55 -11.61
CA HIS A 413 20.57 4.27 -11.00
C HIS A 413 20.37 4.34 -9.52
N VAL A 414 19.77 3.31 -8.96
CA VAL A 414 19.48 3.27 -7.57
C VAL A 414 19.81 1.89 -7.02
N TRP A 415 20.77 1.86 -6.11
CA TRP A 415 21.18 0.62 -5.48
C TRP A 415 20.88 0.73 -4.01
N LYS A 416 20.13 -0.24 -3.48
CA LYS A 416 19.90 -0.36 -2.04
C LYS A 416 20.25 -1.77 -1.62
N GLY A 417 21.19 -1.86 -0.68
CA GLY A 417 21.70 -3.15 -0.25
C GLY A 417 22.37 -3.90 -1.40
N GLY A 418 22.99 -3.13 -2.28
CA GLY A 418 23.66 -3.69 -3.45
C GLY A 418 22.74 -4.34 -4.49
N LYS A 419 21.44 -4.08 -4.37
CA LYS A 419 20.45 -4.57 -5.32
C LYS A 419 19.94 -3.36 -6.10
N LEU A 420 19.64 -3.57 -7.38
CA LEU A 420 19.38 -2.48 -8.28
C LEU A 420 17.89 -2.33 -8.44
N PHE A 421 17.37 -1.17 -8.05
CA PHE A 421 15.92 -0.93 -8.05
C PHE A 421 15.46 0.01 -9.16
N LYS A 422 16.35 0.89 -9.58
CA LYS A 422 16.10 1.72 -10.74
C LYS A 422 17.38 1.71 -11.53
N GLY A 423 17.26 1.49 -12.82
CA GLY A 423 18.41 1.52 -13.71
C GLY A 423 17.94 1.36 -15.12
N PRO A 424 18.86 1.40 -16.08
CA PRO A 424 18.50 1.16 -17.46
C PRO A 424 17.80 -0.20 -17.65
N GLY A 425 16.63 -0.18 -18.31
CA GLY A 425 15.84 -1.39 -18.56
C GLY A 425 15.68 -2.28 -17.33
N ILE A 426 15.39 -1.63 -16.20
CA ILE A 426 15.10 -2.29 -14.93
C ILE A 426 13.67 -1.95 -14.59
N GLY A 427 12.90 -2.98 -14.28
CA GLY A 427 11.48 -2.83 -14.04
C GLY A 427 11.08 -2.01 -12.84
N PRO A 428 9.78 -1.73 -12.74
CA PRO A 428 9.27 -0.83 -11.74
C PRO A 428 9.51 -1.31 -10.30
N TRP A 429 9.65 -2.62 -10.12
CA TRP A 429 9.86 -3.17 -8.77
C TRP A 429 11.28 -3.67 -8.63
N GLY A 430 12.16 -3.13 -9.46
CA GLY A 430 13.58 -3.46 -9.39
C GLY A 430 13.94 -4.74 -10.09
N GLU A 431 15.22 -5.10 -9.94
CA GLU A 431 15.77 -6.18 -10.72
C GLU A 431 15.30 -7.52 -10.24
N ASP A 432 15.25 -8.43 -11.21
CA ASP A 432 14.89 -9.84 -11.00
C ASP A 432 13.58 -9.89 -10.24
N ALA A 433 12.73 -8.89 -10.48
CA ALA A 433 11.49 -8.78 -9.77
C ALA A 433 10.56 -9.89 -10.23
N ARG A 434 9.77 -10.39 -9.29
CA ARG A 434 8.75 -11.37 -9.57
C ARG A 434 7.51 -11.05 -8.71
N ASN A 435 6.35 -11.32 -9.27
CA ASN A 435 5.10 -11.18 -8.57
C ASN A 435 5.13 -12.02 -7.30
N PRO A 436 5.12 -11.36 -6.12
CA PRO A 436 5.14 -12.12 -4.88
C PRO A 436 3.87 -12.92 -4.57
N PHE A 437 2.79 -12.72 -5.31
CA PHE A 437 1.54 -13.42 -5.01
C PHE A 437 1.30 -14.68 -5.85
N LEU A 438 2.37 -15.27 -6.39
CA LEU A 438 2.30 -16.50 -7.19
C LEU A 438 3.22 -17.59 -6.63
N ASP B 3 -14.18 21.86 -23.40
CA ASP B 3 -13.68 20.45 -23.45
C ASP B 3 -14.41 19.56 -24.47
N GLU B 4 -13.62 18.94 -25.33
CA GLU B 4 -14.12 18.01 -26.34
C GLU B 4 -13.87 16.61 -25.80
N ALA B 5 -14.68 15.67 -26.27
CA ALA B 5 -14.51 14.27 -25.90
C ALA B 5 -13.17 13.72 -26.40
N LYS B 6 -12.52 12.93 -25.56
CA LYS B 6 -11.24 12.30 -25.91
C LYS B 6 -11.52 10.96 -26.58
N VAL B 7 -11.26 10.88 -27.88
CA VAL B 7 -11.62 9.67 -28.65
C VAL B 7 -10.38 8.84 -28.96
N THR B 8 -10.52 7.52 -28.77
CA THR B 8 -9.46 6.56 -29.08
C THR B 8 -10.07 5.46 -29.95
N ILE B 9 -9.38 5.12 -31.03
CA ILE B 9 -9.87 4.06 -31.93
C ILE B 9 -8.92 2.89 -31.84
N ILE B 10 -9.48 1.68 -31.78
CA ILE B 10 -8.69 0.48 -31.72
C ILE B 10 -9.17 -0.53 -32.76
N TYR B 11 -8.27 -0.91 -33.67
CA TYR B 11 -8.56 -1.92 -34.66
C TYR B 11 -8.01 -3.22 -34.15
N ALA B 12 -8.76 -4.29 -34.41
CA ALA B 12 -8.47 -5.59 -33.83
C ALA B 12 -8.55 -6.66 -34.87
N GLY B 13 -7.57 -7.57 -34.86
CA GLY B 13 -7.58 -8.73 -35.74
C GLY B 13 -8.75 -9.62 -35.37
N LEU B 14 -8.93 -9.80 -34.08
CA LEU B 14 -10.03 -10.57 -33.51
C LEU B 14 -10.60 -9.79 -32.35
N LEU B 15 -11.92 -9.62 -32.34
CA LEU B 15 -12.56 -8.89 -31.25
C LEU B 15 -13.56 -9.78 -30.53
N ILE B 16 -13.27 -10.08 -29.28
CA ILE B 16 -14.10 -10.99 -28.50
C ILE B 16 -14.92 -10.13 -27.56
N PRO B 17 -16.25 -10.11 -27.73
CA PRO B 17 -17.01 -9.03 -27.09
C PRO B 17 -17.53 -9.33 -25.69
N GLY B 18 -17.60 -10.60 -25.31
CA GLY B 18 -18.06 -10.99 -23.98
C GLY B 18 -19.23 -11.92 -24.16
N ASP B 19 -20.27 -11.42 -24.82
CA ASP B 19 -21.40 -12.23 -25.20
C ASP B 19 -21.56 -12.09 -26.69
N GLY B 20 -22.03 -13.14 -27.34
CA GLY B 20 -22.11 -13.15 -28.82
C GLY B 20 -20.80 -13.47 -29.51
N GLU B 21 -20.88 -13.95 -30.77
CA GLU B 21 -19.70 -14.40 -31.53
C GLU B 21 -18.57 -13.35 -31.61
N PRO B 22 -17.32 -13.82 -31.66
CA PRO B 22 -16.20 -12.93 -31.86
C PRO B 22 -16.13 -12.42 -33.30
N LEU B 23 -15.52 -11.26 -33.47
CA LEU B 23 -15.49 -10.57 -34.76
C LEU B 23 -14.09 -10.54 -35.33
N ARG B 24 -14.05 -10.54 -36.66
CA ARG B 24 -12.83 -10.58 -37.43
C ARG B 24 -12.53 -9.19 -37.98
N ASN B 25 -11.28 -8.75 -37.86
CA ASN B 25 -10.86 -7.48 -38.42
C ASN B 25 -11.82 -6.37 -38.02
N ALA B 26 -12.06 -6.26 -36.72
CA ALA B 26 -13.04 -5.32 -36.20
C ALA B 26 -12.38 -4.07 -35.66
N ALA B 27 -13.21 -3.11 -35.25
CA ALA B 27 -12.75 -1.88 -34.64
C ALA B 27 -13.66 -1.47 -33.51
N LEU B 28 -13.08 -0.81 -32.49
CA LEU B 28 -13.81 -0.34 -31.31
C LEU B 28 -13.44 1.10 -31.03
N VAL B 29 -14.42 1.90 -30.62
CA VAL B 29 -14.18 3.30 -30.31
C VAL B 29 -14.45 3.58 -28.84
N ILE B 30 -13.70 4.52 -28.29
CA ILE B 30 -13.86 4.98 -26.91
C ILE B 30 -14.06 6.48 -26.92
N SER B 31 -15.24 6.94 -26.55
CA SER B 31 -15.43 8.36 -26.24
C SER B 31 -15.34 8.48 -24.73
N ASP B 32 -14.32 9.20 -24.26
CA ASP B 32 -14.04 9.43 -22.83
C ASP B 32 -14.00 8.12 -22.03
N LYS B 33 -14.95 7.98 -21.10
CA LYS B 33 -14.99 6.87 -20.19
C LYS B 33 -15.72 5.65 -20.75
N ILE B 34 -16.46 5.82 -21.84
CA ILE B 34 -17.34 4.74 -22.35
C ILE B 34 -17.12 4.36 -23.82
N ILE B 35 -17.62 3.17 -24.15
CA ILE B 35 -17.47 2.59 -25.47
C ILE B 35 -18.47 3.17 -26.45
N ALA B 36 -17.95 3.78 -27.49
CA ALA B 36 -18.76 4.53 -28.45
C ALA B 36 -19.16 3.72 -29.71
N PHE B 37 -18.31 2.76 -30.12
CA PHE B 37 -18.62 1.92 -31.28
C PHE B 37 -17.93 0.56 -31.23
N VAL B 38 -18.67 -0.47 -31.66
CA VAL B 38 -18.11 -1.77 -31.97
C VAL B 38 -18.73 -2.31 -33.25
N GLY B 39 -17.91 -2.92 -34.10
CA GLY B 39 -18.32 -3.39 -35.43
C GLY B 39 -17.10 -3.62 -36.31
N SER B 40 -17.30 -4.01 -37.58
CA SER B 40 -16.14 -4.32 -38.41
C SER B 40 -15.44 -3.01 -38.81
N GLU B 41 -14.13 -3.10 -38.99
CA GLU B 41 -13.29 -1.93 -39.27
C GLU B 41 -13.89 -1.03 -40.34
N ALA B 42 -14.48 -1.64 -41.36
CA ALA B 42 -15.11 -0.90 -42.44
C ALA B 42 -16.17 0.08 -41.93
N ASP B 43 -17.00 -0.38 -41.00
CA ASP B 43 -18.23 0.33 -40.65
C ASP B 43 -18.06 1.40 -39.52
N ILE B 44 -16.82 1.75 -39.17
CA ILE B 44 -16.56 2.86 -38.22
C ILE B 44 -17.25 4.15 -38.66
N PRO B 45 -17.98 4.82 -37.75
CA PRO B 45 -18.51 6.13 -38.13
C PRO B 45 -17.40 7.11 -38.48
N LYS B 46 -17.61 7.86 -39.55
CA LYS B 46 -16.60 8.83 -40.01
C LYS B 46 -16.47 9.98 -39.03
N LYS B 47 -17.55 10.28 -38.33
CA LYS B 47 -17.43 11.32 -37.32
C LYS B 47 -16.32 11.06 -36.31
N TYR B 48 -16.05 9.79 -35.99
CA TYR B 48 -15.00 9.44 -35.03
C TYR B 48 -13.61 9.42 -35.66
N LEU B 49 -13.54 8.99 -36.92
CA LEU B 49 -12.31 9.09 -37.70
C LEU B 49 -11.79 10.51 -37.74
N ARG B 50 -12.70 11.47 -37.84
CA ARG B 50 -12.31 12.88 -37.91
C ARG B 50 -11.80 13.42 -36.56
N SER B 51 -12.36 12.92 -35.46
CA SER B 51 -12.14 13.50 -34.14
C SER B 51 -11.05 12.83 -33.29
N THR B 52 -10.79 11.54 -33.50
CA THR B 52 -9.81 10.78 -32.68
C THR B 52 -8.43 11.40 -32.58
N GLN B 53 -7.75 11.16 -31.46
CA GLN B 53 -6.37 11.63 -31.28
C GLN B 53 -5.46 10.46 -30.87
N SER B 54 -5.87 9.24 -31.20
CA SER B 54 -5.15 8.08 -30.78
C SER B 54 -5.67 6.89 -31.55
N THR B 55 -4.76 6.03 -31.97
CA THR B 55 -5.14 4.78 -32.60
C THR B 55 -4.18 3.68 -32.24
N HIS B 56 -4.70 2.47 -32.12
CA HIS B 56 -3.87 1.29 -31.93
C HIS B 56 -4.38 0.18 -32.81
N ARG B 57 -3.48 -0.68 -33.26
CA ARG B 57 -3.89 -1.90 -33.90
C ARG B 57 -3.35 -3.04 -33.06
N VAL B 58 -4.23 -3.98 -32.70
CA VAL B 58 -3.80 -5.15 -31.96
C VAL B 58 -4.43 -6.43 -32.50
N PRO B 59 -3.78 -7.58 -32.25
CA PRO B 59 -4.26 -8.89 -32.68
C PRO B 59 -5.63 -9.27 -32.14
N VAL B 60 -5.77 -9.21 -30.82
CA VAL B 60 -6.95 -9.68 -30.14
C VAL B 60 -7.40 -8.63 -29.14
N LEU B 61 -8.69 -8.34 -29.15
CA LEU B 61 -9.27 -7.35 -28.25
C LEU B 61 -10.46 -7.97 -27.54
N MET B 62 -10.55 -7.73 -26.24
CA MET B 62 -11.60 -8.30 -25.43
C MET B 62 -11.83 -7.42 -24.22
N PRO B 63 -12.96 -7.63 -23.52
CA PRO B 63 -13.20 -6.80 -22.37
C PRO B 63 -12.31 -7.16 -21.21
N GLY B 64 -12.14 -6.20 -20.31
CA GLY B 64 -11.39 -6.39 -19.09
C GLY B 64 -11.95 -7.52 -18.26
N LEU B 65 -11.03 -8.28 -17.68
CA LEU B 65 -11.37 -9.46 -16.90
C LEU B 65 -11.81 -9.14 -15.49
N TRP B 66 -12.67 -10.02 -14.98
CA TRP B 66 -13.14 -9.98 -13.60
C TRP B 66 -12.75 -11.24 -12.91
N ASP B 67 -12.24 -11.11 -11.69
CA ASP B 67 -12.35 -12.19 -10.75
C ASP B 67 -13.41 -11.86 -9.72
N CYS B 68 -14.27 -12.84 -9.44
CA CYS B 68 -15.45 -12.62 -8.62
C CYS B 68 -15.34 -13.16 -7.19
N HIS B 69 -14.22 -13.76 -6.80
CA HIS B 69 -14.02 -14.20 -5.41
C HIS B 69 -12.58 -13.90 -5.08
N MET B 70 -12.35 -12.78 -4.44
CA MET B 70 -11.01 -12.37 -4.10
C MET B 70 -10.99 -12.00 -2.65
N HIS B 71 -9.83 -12.00 -2.02
CA HIS B 71 -9.77 -11.83 -0.58
C HIS B 71 -8.70 -10.79 -0.26
N PHE B 72 -9.09 -9.53 -0.10
CA PHE B 72 -8.14 -8.46 0.19
C PHE B 72 -7.56 -8.52 1.60
N GLY B 73 -6.62 -9.44 1.81
CA GLY B 73 -6.09 -9.70 3.15
C GLY B 73 -4.74 -9.05 3.43
N GLY B 74 -3.80 -9.20 2.50
CA GLY B 74 -2.45 -8.67 2.71
C GLY B 74 -1.83 -9.15 4.01
N ASP B 75 -2.11 -10.39 4.41
CA ASP B 75 -1.65 -10.95 5.68
C ASP B 75 -0.11 -11.01 5.77
N ASP B 76 0.43 -10.85 6.96
CA ASP B 76 1.83 -11.19 7.22
C ASP B 76 1.97 -12.71 7.08
N ASP B 77 3.17 -13.16 6.71
CA ASP B 77 3.42 -14.59 6.49
C ASP B 77 3.72 -15.40 7.77
N TYR B 78 3.45 -14.81 8.93
CA TYR B 78 3.75 -15.42 10.22
C TYR B 78 2.81 -16.57 10.61
N TYR B 79 1.50 -16.33 10.58
CA TYR B 79 0.52 -17.34 11.00
C TYR B 79 -0.08 -18.06 9.79
N ASN B 80 -0.19 -19.39 9.90
CA ASN B 80 -0.74 -20.16 8.80
C ASN B 80 -2.25 -20.20 8.70
N ASP B 81 -2.98 -20.01 9.79
CA ASP B 81 -4.44 -19.93 9.72
C ASP B 81 -4.97 -18.48 9.69
N TYR B 82 -6.27 -18.34 9.93
CA TYR B 82 -6.93 -17.06 9.99
C TYR B 82 -6.39 -16.10 11.05
N THR B 83 -5.61 -16.62 12.00
CA THR B 83 -5.01 -15.78 13.02
C THR B 83 -4.24 -14.63 12.40
N SER B 84 -3.61 -14.87 11.25
CA SER B 84 -2.92 -13.80 10.51
C SER B 84 -3.86 -12.63 10.19
N GLY B 85 -5.09 -12.94 9.79
CA GLY B 85 -6.12 -11.94 9.59
C GLY B 85 -6.27 -10.94 10.72
N LEU B 86 -6.34 -11.44 11.95
CA LEU B 86 -6.46 -10.56 13.11
C LEU B 86 -5.10 -9.90 13.48
N ALA B 87 -4.02 -10.68 13.47
CA ALA B 87 -2.75 -10.17 13.99
C ALA B 87 -2.10 -9.13 13.10
N THR B 88 -2.28 -9.27 11.80
CA THR B 88 -1.67 -8.36 10.82
C THR B 88 -2.24 -6.97 10.93
N HIS B 89 -1.34 -6.00 11.06
CA HIS B 89 -1.75 -4.63 11.19
C HIS B 89 -2.23 -4.15 9.80
N PRO B 90 -3.37 -3.45 9.73
CA PRO B 90 -3.94 -3.15 8.40
C PRO B 90 -3.04 -2.31 7.52
N ALA B 91 -2.17 -1.51 8.11
CA ALA B 91 -1.11 -0.82 7.33
C ALA B 91 -0.23 -1.79 6.56
N SER B 92 0.22 -2.85 7.20
CA SER B 92 1.01 -3.82 6.49
C SER B 92 0.15 -4.38 5.37
N SER B 93 -1.07 -4.73 5.68
CA SER B 93 -1.98 -5.27 4.67
C SER B 93 -2.17 -4.33 3.52
N GLY B 94 -2.40 -3.07 3.83
CA GLY B 94 -2.67 -2.09 2.78
C GLY B 94 -1.51 -2.00 1.82
N ALA B 95 -0.31 -1.85 2.35
CA ALA B 95 0.90 -1.76 1.56
C ALA B 95 0.96 -2.92 0.60
N ARG B 96 0.79 -4.13 1.14
CA ARG B 96 0.85 -5.31 0.30
C ARG B 96 -0.25 -5.32 -0.75
N LEU B 97 -1.44 -4.87 -0.38
CA LEU B 97 -2.56 -4.94 -1.30
C LEU B 97 -2.36 -4.00 -2.48
N ALA B 98 -1.52 -2.99 -2.30
CA ALA B 98 -1.16 -2.07 -3.39
C ALA B 98 -0.44 -2.83 -4.47
N ARG B 99 0.61 -3.58 -4.09
CA ARG B 99 1.37 -4.36 -5.06
C ARG B 99 0.46 -5.32 -5.81
N GLY B 100 -0.44 -5.95 -5.07
CA GLY B 100 -1.36 -6.91 -5.64
C GLY B 100 -2.29 -6.30 -6.68
N CYS B 101 -2.83 -5.14 -6.36
CA CYS B 101 -3.76 -4.48 -7.26
C CYS B 101 -3.05 -4.07 -8.54
N TRP B 102 -1.83 -3.60 -8.43
CA TRP B 102 -1.00 -3.30 -9.59
C TRP B 102 -0.88 -4.51 -10.52
N GLU B 103 -0.44 -5.63 -9.96
CA GLU B 103 -0.20 -6.85 -10.73
C GLU B 103 -1.49 -7.29 -11.37
N ALA B 104 -2.57 -7.24 -10.62
CA ALA B 104 -3.89 -7.51 -11.17
C ALA B 104 -4.11 -6.74 -12.46
N LEU B 105 -3.96 -5.43 -12.40
CA LEU B 105 -4.22 -4.58 -13.54
C LEU B 105 -3.29 -4.94 -14.66
N GLN B 106 -2.03 -5.05 -14.30
CA GLN B 106 -1.01 -5.44 -15.25
C GLN B 106 -1.33 -6.76 -15.96
N ASN B 107 -2.22 -7.58 -15.38
CA ASN B 107 -2.68 -8.82 -16.05
C ASN B 107 -4.01 -8.73 -16.79
N GLY B 108 -4.57 -7.54 -16.89
CA GLY B 108 -5.84 -7.35 -17.57
C GLY B 108 -7.05 -7.68 -16.72
N TYR B 109 -6.89 -7.67 -15.40
CA TYR B 109 -8.02 -7.77 -14.50
C TYR B 109 -8.42 -6.36 -14.10
N THR B 110 -9.61 -5.95 -14.56
CA THR B 110 -10.08 -4.57 -14.38
C THR B 110 -11.22 -4.48 -13.37
N SER B 111 -11.66 -5.63 -12.88
CA SER B 111 -12.68 -5.65 -11.84
C SER B 111 -12.47 -6.84 -10.92
N TYR B 112 -12.60 -6.59 -9.63
CA TYR B 112 -12.50 -7.61 -8.61
C TYR B 112 -13.72 -7.54 -7.70
N ARG B 113 -14.22 -8.70 -7.27
CA ARG B 113 -15.19 -8.71 -6.20
C ARG B 113 -14.49 -9.26 -4.97
N ASP B 114 -14.17 -8.39 -4.02
CA ASP B 114 -13.50 -8.78 -2.78
C ASP B 114 -14.54 -9.26 -1.77
N LEU B 115 -14.53 -10.54 -1.45
CA LEU B 115 -15.52 -11.09 -0.54
C LEU B 115 -15.17 -10.98 0.93
N ALA B 116 -13.90 -10.90 1.30
CA ALA B 116 -13.55 -10.55 2.68
C ALA B 116 -12.22 -9.79 2.73
N GLY B 117 -12.17 -8.71 3.51
CA GLY B 117 -10.96 -7.89 3.59
C GLY B 117 -11.12 -6.38 3.58
N TYR B 118 -10.07 -5.71 3.14
CA TYR B 118 -10.01 -4.25 3.23
C TYR B 118 -10.36 -3.58 1.90
N GLY B 119 -11.02 -4.31 1.01
CA GLY B 119 -11.38 -3.81 -0.30
C GLY B 119 -11.95 -2.40 -0.26
N CYS B 120 -12.88 -2.15 0.66
CA CYS B 120 -13.42 -0.81 0.78
C CYS B 120 -12.35 0.21 1.13
N GLU B 121 -11.52 -0.09 2.13
CA GLU B 121 -10.53 0.87 2.63
C GLU B 121 -9.40 1.12 1.62
N VAL B 122 -9.13 0.13 0.78
CA VAL B 122 -8.08 0.25 -0.21
C VAL B 122 -8.62 0.89 -1.49
N ALA B 123 -9.89 0.65 -1.81
CA ALA B 123 -10.47 1.18 -3.05
C ALA B 123 -10.44 2.70 -3.06
N LYS B 124 -10.29 3.26 -1.87
CA LYS B 124 -10.12 4.67 -1.62
C LYS B 124 -8.83 5.22 -2.16
N ALA B 125 -7.79 4.42 -2.07
CA ALA B 125 -6.48 4.85 -2.48
C ALA B 125 -6.36 4.67 -4.01
N ILE B 126 -7.10 3.70 -4.53
CA ILE B 126 -7.29 3.55 -5.96
C ILE B 126 -8.02 4.75 -6.47
N ASN B 127 -9.15 5.06 -5.84
CA ASN B 127 -10.08 6.04 -6.41
C ASN B 127 -9.63 7.46 -6.37
N ASP B 128 -8.73 7.82 -5.46
CA ASP B 128 -8.14 9.16 -5.50
C ASP B 128 -6.90 9.15 -6.37
N GLY B 129 -6.57 7.97 -6.90
CA GLY B 129 -5.49 7.84 -7.86
C GLY B 129 -4.12 7.85 -7.20
N THR B 130 -4.06 7.55 -5.92
CA THR B 130 -2.79 7.47 -5.23
C THR B 130 -2.08 6.18 -5.65
N ILE B 131 -2.86 5.20 -6.06
CA ILE B 131 -2.33 3.98 -6.63
C ILE B 131 -3.29 3.54 -7.66
N VAL B 132 -3.05 2.40 -8.26
CA VAL B 132 -3.87 1.95 -9.38
C VAL B 132 -4.34 0.55 -9.05
N GLY B 133 -5.44 0.15 -9.68
CA GLY B 133 -5.92 -1.19 -9.46
C GLY B 133 -7.18 -1.40 -10.21
N PRO B 134 -7.73 -2.61 -10.12
CA PRO B 134 -8.97 -2.87 -10.80
C PRO B 134 -10.08 -2.08 -10.17
N ASN B 135 -11.25 -2.15 -10.77
CA ASN B 135 -12.47 -1.72 -10.11
C ASN B 135 -12.71 -2.67 -8.94
N VAL B 136 -12.93 -2.15 -7.75
CA VAL B 136 -13.13 -3.01 -6.61
C VAL B 136 -14.56 -2.93 -6.05
N TYR B 137 -15.18 -4.09 -5.89
CA TYR B 137 -16.51 -4.23 -5.32
C TYR B 137 -16.38 -5.13 -4.10
N SER B 138 -16.29 -4.51 -2.93
CA SER B 138 -15.93 -5.20 -1.70
C SER B 138 -17.18 -5.50 -0.87
N SER B 139 -17.07 -6.48 0.01
CA SER B 139 -18.16 -6.80 0.90
C SER B 139 -17.87 -6.30 2.28
N GLY B 140 -16.77 -5.53 2.41
CA GLY B 140 -16.16 -5.25 3.71
C GLY B 140 -15.83 -6.61 4.29
N ALA B 141 -16.30 -6.86 5.51
CA ALA B 141 -16.15 -8.16 6.15
C ALA B 141 -17.20 -9.21 5.72
N ALA B 142 -16.75 -10.46 5.71
CA ALA B 142 -17.65 -11.58 5.60
C ALA B 142 -18.37 -11.76 6.92
N LEU B 143 -19.66 -11.95 6.84
CA LEU B 143 -20.47 -12.15 8.00
C LEU B 143 -20.48 -13.63 8.30
N SER B 144 -20.18 -13.97 9.54
CA SER B 144 -20.18 -15.35 9.99
C SER B 144 -20.84 -15.41 11.35
N GLN B 145 -21.52 -16.52 11.64
CA GLN B 145 -21.97 -16.76 13.00
C GLN B 145 -20.76 -17.08 13.87
N THR B 146 -20.94 -17.01 15.19
CA THR B 146 -19.98 -17.55 16.15
C THR B 146 -19.82 -19.03 15.80
N ALA B 147 -18.61 -19.55 15.88
CA ALA B 147 -18.36 -20.95 15.49
C ALA B 147 -18.67 -21.20 14.00
N GLY B 148 -18.77 -20.14 13.22
CA GLY B 148 -18.95 -20.23 11.78
C GLY B 148 -17.65 -20.36 11.04
N HIS B 149 -17.77 -20.47 9.72
CA HIS B 149 -16.61 -20.64 8.87
C HIS B 149 -15.67 -19.47 9.01
N GLY B 150 -16.22 -18.30 9.27
CA GLY B 150 -15.39 -17.13 9.52
C GLY B 150 -14.53 -17.22 10.77
N ASP B 151 -14.99 -17.98 11.75
CA ASP B 151 -14.40 -17.91 13.08
C ASP B 151 -12.94 -18.42 13.13
N ILE B 152 -12.15 -17.80 14.03
CA ILE B 152 -10.77 -18.21 14.29
C ILE B 152 -10.74 -19.13 15.50
N PHE B 153 -10.84 -20.43 15.26
CA PHE B 153 -11.12 -21.36 16.33
C PHE B 153 -9.94 -21.49 17.24
N ALA B 154 -8.76 -21.20 16.74
CA ALA B 154 -7.58 -21.41 17.55
C ALA B 154 -7.38 -20.32 18.59
N LEU B 155 -8.22 -19.28 18.54
CA LEU B 155 -8.18 -18.24 19.56
C LEU B 155 -9.35 -18.33 20.52
N PRO B 156 -9.17 -17.85 21.75
CA PRO B 156 -10.30 -17.79 22.66
C PRO B 156 -11.44 -16.95 22.10
N ALA B 157 -12.68 -17.32 22.38
CA ALA B 157 -13.82 -16.64 21.76
C ALA B 157 -13.85 -15.13 22.04
N GLY B 158 -13.39 -14.73 23.22
CA GLY B 158 -13.44 -13.32 23.61
C GLY B 158 -12.52 -12.47 22.75
N GLU B 159 -11.36 -13.02 22.39
CA GLU B 159 -10.41 -12.23 21.62
C GLU B 159 -10.99 -11.95 20.25
N VAL B 160 -11.66 -12.96 19.73
CA VAL B 160 -12.27 -12.89 18.41
C VAL B 160 -13.48 -11.96 18.39
N LEU B 161 -14.35 -12.05 19.38
CA LEU B 161 -15.55 -11.22 19.33
C LEU B 161 -15.30 -9.79 19.73
N GLY B 162 -14.30 -9.56 20.56
CA GLY B 162 -13.79 -8.22 20.82
C GLY B 162 -13.35 -7.55 19.52
N SER B 163 -12.63 -8.29 18.69
CA SER B 163 -12.20 -7.74 17.42
C SER B 163 -13.35 -7.60 16.44
N TYR B 164 -14.20 -8.62 16.33
CA TYR B 164 -15.08 -8.69 15.19
C TYR B 164 -16.58 -8.68 15.46
N GLY B 165 -16.96 -8.60 16.73
CA GLY B 165 -18.36 -8.54 17.07
C GLY B 165 -19.04 -7.21 16.78
N VAL B 166 -20.38 -7.20 16.81
CA VAL B 166 -21.16 -6.00 16.52
C VAL B 166 -21.70 -5.37 17.81
N MET B 167 -21.06 -5.66 18.94
CA MET B 167 -21.44 -5.14 20.26
C MET B 167 -20.19 -4.47 20.83
N ASN B 168 -20.36 -3.58 21.78
CA ASN B 168 -19.20 -2.89 22.40
C ASN B 168 -18.37 -2.06 21.44
N PRO B 169 -18.96 -0.98 20.94
CA PRO B 169 -18.13 -0.09 20.18
C PRO B 169 -16.94 0.45 20.96
N ARG B 170 -15.87 0.81 20.25
CA ARG B 170 -14.62 1.18 20.86
C ARG B 170 -13.70 1.90 19.87
N PRO B 171 -12.63 2.51 20.39
CA PRO B 171 -11.58 2.97 19.50
C PRO B 171 -10.91 1.79 18.77
N GLY B 172 -10.23 2.06 17.66
CA GLY B 172 -9.51 1.02 16.90
C GLY B 172 -10.29 0.40 15.75
N TYR B 173 -11.04 1.26 15.06
CA TYR B 173 -11.68 0.92 13.79
C TYR B 173 -12.61 -0.27 13.98
N TRP B 174 -13.34 -0.23 15.07
CA TRP B 174 -14.47 -1.12 15.29
C TRP B 174 -15.31 -1.18 14.02
N GLY B 175 -15.77 -2.37 13.67
CA GLY B 175 -16.67 -2.53 12.56
C GLY B 175 -15.98 -2.54 11.22
N ALA B 176 -14.67 -2.40 11.21
CA ALA B 176 -13.92 -2.33 9.96
C ALA B 176 -12.76 -3.33 9.88
N GLY B 177 -13.07 -4.62 10.02
CA GLY B 177 -12.10 -5.72 9.86
C GLY B 177 -12.40 -6.63 8.67
N PRO B 178 -11.71 -7.77 8.56
CA PRO B 178 -12.00 -8.70 7.49
C PRO B 178 -13.22 -9.56 7.75
N LEU B 179 -13.67 -9.54 8.99
CA LEU B 179 -14.59 -10.51 9.51
C LEU B 179 -15.55 -9.84 10.44
N CYS B 180 -16.75 -10.39 10.49
CA CYS B 180 -17.79 -9.80 11.31
C CYS B 180 -18.68 -10.90 11.87
N ILE B 181 -18.71 -11.00 13.21
CA ILE B 181 -19.41 -12.05 13.86
C ILE B 181 -20.65 -11.54 14.51
N ALA B 182 -21.77 -12.03 14.00
CA ALA B 182 -23.07 -11.68 14.52
C ALA B 182 -23.89 -12.91 14.79
N ASP B 183 -24.61 -12.87 15.91
CA ASP B 183 -25.53 -13.92 16.24
C ASP B 183 -26.87 -13.31 16.54
N GLY B 184 -27.90 -13.78 15.85
CA GLY B 184 -29.27 -13.34 16.11
C GLY B 184 -29.73 -12.26 15.16
N VAL B 185 -31.02 -12.10 15.07
CA VAL B 185 -31.59 -11.22 14.08
C VAL B 185 -31.17 -9.75 14.35
N GLU B 186 -31.07 -9.37 15.61
CA GLU B 186 -30.74 -8.00 15.98
C GLU B 186 -29.32 -7.72 15.58
N GLU B 187 -28.42 -8.62 15.91
CA GLU B 187 -27.01 -8.41 15.57
C GLU B 187 -26.69 -8.43 14.07
N VAL B 188 -27.38 -9.25 13.28
CA VAL B 188 -27.09 -9.32 11.84
C VAL B 188 -27.48 -8.03 11.12
N ARG B 189 -28.46 -7.31 11.67
CA ARG B 189 -28.85 -6.04 11.11
C ARG B 189 -27.69 -5.06 11.19
N ARG B 190 -27.06 -4.95 12.34
CA ARG B 190 -25.88 -4.10 12.44
C ARG B 190 -24.71 -4.57 11.56
N ALA B 191 -24.51 -5.88 11.51
CA ALA B 191 -23.42 -6.44 10.71
C ALA B 191 -23.55 -6.04 9.22
N VAL B 192 -24.76 -6.13 8.65
CA VAL B 192 -24.95 -5.78 7.25
C VAL B 192 -24.66 -4.31 7.16
N ARG B 193 -25.22 -3.57 8.09
CA ARG B 193 -25.11 -2.13 8.03
C ARG B 193 -23.67 -1.66 8.23
N LEU B 194 -22.93 -2.28 9.13
CA LEU B 194 -21.52 -1.90 9.29
C LEU B 194 -20.70 -1.99 8.01
N GLN B 195 -20.99 -2.97 7.17
CA GLN B 195 -20.28 -3.05 5.89
C GLN B 195 -20.71 -1.94 4.94
N ILE B 196 -22.01 -1.68 4.86
CA ILE B 196 -22.44 -0.62 3.98
C ILE B 196 -21.75 0.67 4.38
N ARG B 197 -21.65 0.89 5.68
CA ARG B 197 -20.93 2.05 6.20
C ARG B 197 -19.56 2.24 5.61
N ARG B 198 -18.87 1.14 5.34
CA ARG B 198 -17.52 1.20 4.79
C ARG B 198 -17.59 1.46 3.30
N GLY B 199 -18.78 1.46 2.73
CA GLY B 199 -18.93 1.56 1.29
C GLY B 199 -19.08 0.25 0.53
N ALA B 200 -19.27 -0.88 1.19
CA ALA B 200 -19.39 -2.16 0.49
C ALA B 200 -20.51 -2.24 -0.56
N LYS B 201 -20.21 -2.85 -1.69
CA LYS B 201 -21.17 -2.99 -2.80
C LYS B 201 -21.73 -4.42 -3.00
N VAL B 202 -21.45 -5.27 -2.03
CA VAL B 202 -22.01 -6.60 -2.02
C VAL B 202 -21.90 -7.10 -0.60
N ILE B 203 -22.75 -8.05 -0.20
CA ILE B 203 -22.64 -8.61 1.15
C ILE B 203 -22.28 -10.09 1.11
N KCX B 204 -21.31 -10.48 1.94
CA KCX B 204 -20.89 -11.88 1.99
CB KCX B 204 -19.40 -12.00 1.76
CG KCX B 204 -18.88 -13.41 1.96
CD KCX B 204 -19.08 -14.28 0.74
CE KCX B 204 -18.31 -15.61 0.90
NZ KCX B 204 -16.90 -15.50 1.32
C KCX B 204 -21.26 -12.54 3.28
O KCX B 204 -20.93 -12.04 4.35
CX KCX B 204 -16.01 -16.54 1.27
OQ1 KCX B 204 -14.80 -16.34 1.65
OQ2 KCX B 204 -16.32 -17.69 0.85
N VAL B 205 -21.93 -13.69 3.18
CA VAL B 205 -22.25 -14.55 4.32
C VAL B 205 -21.63 -15.93 4.20
N MET B 206 -21.28 -16.51 5.35
CA MET B 206 -20.86 -17.87 5.41
C MET B 206 -22.12 -18.64 5.79
N ALA B 207 -22.72 -19.31 4.81
CA ALA B 207 -23.99 -20.00 5.01
C ALA B 207 -23.80 -21.51 5.17
N SER B 208 -22.54 -21.93 5.27
CA SER B 208 -22.19 -23.33 5.51
C SER B 208 -20.77 -23.46 6.08
N GLY B 209 -20.44 -24.63 6.62
CA GLY B 209 -19.09 -24.89 7.12
C GLY B 209 -18.05 -24.84 6.01
N GLY B 210 -16.81 -24.52 6.35
CA GLY B 210 -15.75 -24.49 5.34
C GLY B 210 -14.53 -25.32 5.70
N VAL B 211 -13.62 -25.43 4.75
CA VAL B 211 -12.40 -26.21 4.90
C VAL B 211 -11.20 -25.37 5.41
N MET B 212 -11.12 -24.11 4.99
CA MET B 212 -10.07 -23.15 5.42
C MET B 212 -10.17 -22.62 6.87
N SER B 213 -11.32 -22.84 7.55
CA SER B 213 -11.46 -22.71 9.02
C SER B 213 -11.17 -24.06 9.70
N ARG B 214 -10.60 -23.99 10.90
CA ARG B 214 -9.92 -25.12 11.56
C ARG B 214 -10.84 -26.30 11.93
N ASP B 215 -12.02 -26.01 12.49
CA ASP B 215 -12.86 -27.01 13.18
C ASP B 215 -14.27 -27.29 12.64
N ASP B 216 -14.82 -26.43 11.78
CA ASP B 216 -16.21 -26.58 11.32
C ASP B 216 -16.38 -27.52 10.06
N ASN B 217 -17.58 -28.11 9.94
CA ASN B 217 -17.90 -29.15 8.94
C ASN B 217 -18.70 -28.58 7.78
N PRO B 218 -18.18 -28.75 6.55
CA PRO B 218 -18.86 -28.21 5.37
C PRO B 218 -20.23 -28.81 4.99
N ASN B 219 -20.58 -29.98 5.49
CA ASN B 219 -21.93 -30.49 5.23
C ASN B 219 -23.05 -29.67 5.80
N PHE B 220 -22.81 -29.04 6.95
CA PHE B 220 -23.87 -28.38 7.74
C PHE B 220 -24.08 -26.95 7.35
N ALA B 221 -25.32 -26.47 7.53
CA ALA B 221 -25.66 -25.07 7.25
C ALA B 221 -25.14 -24.19 8.38
N GLN B 222 -25.17 -22.88 8.14
CA GLN B 222 -24.79 -21.89 9.16
C GLN B 222 -25.67 -20.69 9.04
N PHE B 223 -25.81 -19.99 10.17
CA PHE B 223 -26.87 -19.04 10.39
C PHE B 223 -28.25 -19.72 10.37
N SER B 224 -29.23 -19.05 10.95
CA SER B 224 -30.59 -19.48 10.87
C SER B 224 -31.23 -18.92 9.61
N PRO B 225 -32.20 -19.64 9.01
CA PRO B 225 -33.01 -19.08 7.95
C PRO B 225 -33.52 -17.67 8.29
N GLU B 226 -33.93 -17.53 9.55
CA GLU B 226 -34.30 -16.25 10.13
C GLU B 226 -33.20 -15.22 9.92
N GLU B 227 -31.97 -15.54 10.34
CA GLU B 227 -30.89 -14.58 10.25
C GLU B 227 -30.58 -14.19 8.81
N LEU B 228 -30.56 -15.18 7.92
CA LEU B 228 -30.27 -14.94 6.50
C LEU B 228 -31.33 -14.10 5.80
N LYS B 229 -32.61 -14.36 6.09
CA LYS B 229 -33.70 -13.58 5.49
C LYS B 229 -33.50 -12.09 5.74
N VAL B 230 -33.13 -11.79 6.98
CA VAL B 230 -32.86 -10.43 7.40
C VAL B 230 -31.64 -9.89 6.69
N ILE B 231 -30.58 -10.67 6.65
CA ILE B 231 -29.38 -10.20 5.99
C ILE B 231 -29.65 -9.84 4.54
N VAL B 232 -30.40 -10.69 3.83
CA VAL B 232 -30.81 -10.41 2.46
C VAL B 232 -31.61 -9.10 2.34
N GLU B 233 -32.64 -8.99 3.18
CA GLU B 233 -33.52 -7.83 3.20
C GLU B 233 -32.77 -6.54 3.47
N GLU B 234 -31.83 -6.59 4.42
CA GLU B 234 -30.95 -5.45 4.73
C GLU B 234 -30.08 -5.02 3.57
N ALA B 235 -29.56 -6.00 2.84
CA ALA B 235 -28.81 -5.73 1.65
C ALA B 235 -29.72 -5.16 0.59
N ALA B 236 -30.86 -5.82 0.38
CA ALA B 236 -31.82 -5.44 -0.68
C ALA B 236 -32.27 -3.97 -0.60
N ARG B 237 -32.33 -3.46 0.60
CA ARG B 237 -32.82 -2.13 0.87
C ARG B 237 -31.83 -1.10 0.43
N GLN B 238 -30.57 -1.46 0.40
CA GLN B 238 -29.53 -0.59 -0.10
C GLN B 238 -29.09 -1.00 -1.50
N ASN B 239 -29.86 -1.90 -2.10
CA ASN B 239 -29.62 -2.34 -3.47
C ASN B 239 -28.35 -3.14 -3.67
N ARG B 240 -27.93 -3.80 -2.61
CA ARG B 240 -26.91 -4.81 -2.70
C ARG B 240 -27.59 -6.16 -2.82
N ILE B 241 -26.79 -7.15 -3.14
CA ILE B 241 -27.22 -8.53 -3.06
C ILE B 241 -26.26 -9.27 -2.17
N VAL B 242 -26.65 -10.47 -1.79
CA VAL B 242 -25.86 -11.26 -0.89
C VAL B 242 -25.22 -12.40 -1.64
N SER B 243 -23.91 -12.57 -1.43
CA SER B 243 -23.19 -13.73 -1.94
C SER B 243 -22.87 -14.67 -0.81
N ALA B 244 -23.29 -15.92 -0.98
CA ALA B 244 -23.22 -16.90 0.06
C ALA B 244 -22.19 -17.97 -0.25
N HIS B 245 -21.33 -18.24 0.71
CA HIS B 245 -20.36 -19.31 0.64
C HIS B 245 -21.05 -20.55 1.12
N VAL B 246 -21.10 -21.59 0.31
CA VAL B 246 -21.82 -22.81 0.67
C VAL B 246 -21.19 -24.06 0.09
N HIS B 247 -21.22 -25.13 0.85
CA HIS B 247 -20.76 -26.42 0.41
C HIS B 247 -21.90 -27.45 0.49
N GLY B 248 -22.31 -27.80 1.71
CA GLY B 248 -23.36 -28.82 1.91
C GLY B 248 -24.67 -28.40 1.28
N LYS B 249 -25.51 -29.35 0.89
CA LYS B 249 -26.78 -29.01 0.26
C LYS B 249 -27.65 -28.18 1.22
N ALA B 250 -27.66 -28.60 2.49
CA ALA B 250 -28.35 -27.85 3.57
C ALA B 250 -28.13 -26.32 3.54
N GLY B 251 -26.86 -25.90 3.42
CA GLY B 251 -26.51 -24.48 3.39
C GLY B 251 -26.92 -23.84 2.08
N ILE B 252 -26.66 -24.56 0.99
CA ILE B 252 -27.08 -24.14 -0.35
C ILE B 252 -28.58 -23.81 -0.43
N MET B 253 -29.43 -24.74 -0.01
CA MET B 253 -30.88 -24.51 -0.06
C MET B 253 -31.36 -23.41 0.92
N ALA B 254 -30.66 -23.24 2.03
CA ALA B 254 -31.02 -22.19 2.98
C ALA B 254 -30.67 -20.81 2.39
N ALA B 255 -29.60 -20.77 1.60
CA ALA B 255 -29.16 -19.53 1.03
C ALA B 255 -30.11 -19.11 -0.08
N ILE B 256 -30.53 -20.10 -0.87
CA ILE B 256 -31.48 -19.88 -1.96
C ILE B 256 -32.85 -19.46 -1.44
N LYS B 257 -33.27 -20.07 -0.34
CA LYS B 257 -34.53 -19.75 0.26
C LYS B 257 -34.52 -18.32 0.79
N ALA B 258 -33.41 -17.91 1.37
CA ALA B 258 -33.28 -16.55 1.93
C ALA B 258 -33.22 -15.45 0.86
N GLY B 259 -32.88 -15.80 -0.36
CA GLY B 259 -32.82 -14.83 -1.47
C GLY B 259 -31.42 -14.42 -1.88
N CYS B 260 -30.42 -15.23 -1.54
CA CYS B 260 -29.06 -14.95 -1.94
C CYS B 260 -29.01 -15.12 -3.43
N LYS B 261 -28.13 -14.38 -4.09
CA LYS B 261 -28.09 -14.36 -5.55
C LYS B 261 -26.79 -14.78 -6.16
N SER B 262 -25.77 -14.98 -5.33
CA SER B 262 -24.52 -15.55 -5.78
C SER B 262 -24.17 -16.66 -4.81
N LEU B 263 -23.69 -17.80 -5.30
CA LEU B 263 -23.21 -18.86 -4.41
C LEU B 263 -21.77 -19.20 -4.74
N GLU B 264 -20.97 -19.46 -3.71
CA GLU B 264 -19.54 -19.77 -3.91
C GLU B 264 -19.26 -21.23 -3.62
N HIS B 265 -18.45 -21.84 -4.49
CA HIS B 265 -18.08 -23.23 -4.37
C HIS B 265 -19.26 -24.16 -4.73
N VAL B 266 -20.30 -24.09 -3.93
CA VAL B 266 -21.52 -24.83 -4.21
C VAL B 266 -21.20 -26.32 -4.39
N SER B 267 -20.30 -26.82 -3.55
CA SER B 267 -19.72 -28.13 -3.77
C SER B 267 -20.74 -29.28 -3.91
N TYR B 268 -21.86 -29.26 -3.19
CA TYR B 268 -22.80 -30.40 -3.25
C TYR B 268 -24.03 -30.08 -4.11
N ALA B 269 -23.86 -29.18 -5.07
CA ALA B 269 -24.94 -28.89 -5.99
C ALA B 269 -25.29 -30.12 -6.81
N ASP B 270 -26.59 -30.28 -7.06
CA ASP B 270 -27.10 -31.41 -7.81
C ASP B 270 -28.23 -30.92 -8.70
N GLU B 271 -28.90 -31.86 -9.34
CA GLU B 271 -30.01 -31.57 -10.21
C GLU B 271 -30.98 -30.51 -9.68
N GLU B 272 -31.37 -30.67 -8.43
CA GLU B 272 -32.33 -29.80 -7.81
C GLU B 272 -31.80 -28.39 -7.66
N VAL B 273 -30.52 -28.27 -7.31
CA VAL B 273 -29.88 -26.96 -7.11
C VAL B 273 -29.70 -26.20 -8.41
N TRP B 274 -29.32 -26.89 -9.48
CA TRP B 274 -29.12 -26.23 -10.75
C TRP B 274 -30.44 -25.66 -11.27
N GLU B 275 -31.51 -26.45 -11.26
CA GLU B 275 -32.82 -25.99 -11.73
C GLU B 275 -33.29 -24.78 -10.95
N LEU B 276 -32.91 -24.73 -9.68
CA LEU B 276 -33.29 -23.61 -8.83
C LEU B 276 -32.50 -22.39 -9.23
N MET B 277 -31.18 -22.52 -9.28
CA MET B 277 -30.32 -21.38 -9.56
C MET B 277 -30.70 -20.71 -10.89
N LYS B 278 -31.14 -21.52 -11.87
CA LYS B 278 -31.69 -21.00 -13.15
C LYS B 278 -33.04 -20.35 -12.94
N GLU B 279 -33.99 -21.11 -12.40
CA GLU B 279 -35.36 -20.62 -12.18
C GLU B 279 -35.35 -19.32 -11.38
N LYS B 280 -34.44 -19.18 -10.44
CA LYS B 280 -34.31 -17.97 -9.60
C LYS B 280 -33.20 -17.02 -10.05
N GLY B 281 -32.37 -17.41 -11.00
CA GLY B 281 -31.39 -16.49 -11.55
C GLY B 281 -30.29 -16.16 -10.57
N ILE B 282 -29.68 -17.22 -10.07
CA ILE B 282 -28.61 -17.11 -9.11
C ILE B 282 -27.28 -17.47 -9.73
N LEU B 283 -26.29 -16.60 -9.53
CA LEU B 283 -24.94 -16.79 -10.06
C LEU B 283 -24.23 -17.92 -9.34
N TYR B 284 -23.56 -18.77 -10.11
CA TYR B 284 -22.80 -19.88 -9.57
C TYR B 284 -21.36 -19.51 -9.80
N VAL B 285 -20.56 -19.54 -8.75
CA VAL B 285 -19.15 -19.26 -8.82
C VAL B 285 -18.42 -20.43 -8.18
N ALA B 286 -17.74 -21.24 -8.98
CA ALA B 286 -17.16 -22.48 -8.48
C ALA B 286 -15.93 -22.28 -7.60
N THR B 287 -15.04 -21.38 -8.00
CA THR B 287 -13.78 -21.22 -7.27
C THR B 287 -12.97 -22.52 -7.24
N ARG B 288 -12.67 -23.05 -8.41
CA ARG B 288 -12.06 -24.35 -8.49
C ARG B 288 -10.58 -24.27 -8.16
N SER B 289 -9.96 -23.14 -8.52
CA SER B 289 -8.51 -22.97 -8.34
C SER B 289 -8.00 -23.51 -7.02
N VAL B 290 -8.62 -23.10 -5.90
CA VAL B 290 -8.17 -23.54 -4.56
C VAL B 290 -8.01 -25.05 -4.50
N ILE B 291 -9.05 -25.78 -4.90
CA ILE B 291 -9.04 -27.25 -4.85
C ILE B 291 -7.90 -27.80 -5.69
N GLU B 292 -7.84 -27.44 -6.96
CA GLU B 292 -6.78 -27.96 -7.83
C GLU B 292 -5.38 -27.55 -7.37
N ILE B 293 -5.23 -26.34 -6.83
CA ILE B 293 -3.91 -25.90 -6.32
C ILE B 293 -3.43 -26.80 -5.18
N PHE B 294 -4.33 -27.23 -4.32
CA PHE B 294 -3.93 -27.98 -3.16
C PHE B 294 -3.94 -29.50 -3.37
N LEU B 295 -4.77 -30.00 -4.31
CA LEU B 295 -4.65 -31.38 -4.79
C LEU B 295 -3.26 -31.65 -5.40
N ALA B 296 -2.78 -30.72 -6.21
CA ALA B 296 -1.42 -30.77 -6.78
C ALA B 296 -0.34 -30.52 -5.72
N SER B 297 -0.62 -29.63 -4.78
CA SER B 297 0.27 -29.37 -3.66
C SER B 297 0.44 -30.63 -2.79
N ASN B 298 -0.58 -31.47 -2.84
CA ASN B 298 -0.78 -32.58 -1.91
C ASN B 298 -0.80 -32.01 -0.51
N GLY B 299 -1.49 -30.88 -0.41
CA GLY B 299 -1.82 -30.28 0.88
C GLY B 299 -0.78 -29.38 1.52
N GLU B 300 0.46 -29.34 1.01
CA GLU B 300 1.53 -28.54 1.66
C GLU B 300 1.08 -27.07 1.71
N GLY B 301 1.26 -26.43 2.87
CA GLY B 301 0.80 -25.06 3.10
C GLY B 301 -0.51 -24.89 3.90
N LEU B 302 -1.30 -25.97 4.04
CA LEU B 302 -2.56 -25.95 4.82
C LEU B 302 -2.36 -26.53 6.23
N VAL B 303 -3.43 -26.46 7.02
CA VAL B 303 -3.48 -27.11 8.34
C VAL B 303 -4.08 -28.53 8.14
N LYS B 304 -3.65 -29.48 8.99
CA LYS B 304 -3.98 -30.91 8.83
C LYS B 304 -5.48 -31.20 8.69
N GLU B 305 -6.30 -30.31 9.25
CA GLU B 305 -7.77 -30.35 9.12
C GLU B 305 -8.30 -29.95 7.72
N SER B 306 -7.49 -30.13 6.67
CA SER B 306 -7.99 -30.17 5.29
C SER B 306 -7.82 -31.59 4.69
N LEU B 310 -11.50 -34.99 1.88
CA LEU B 310 -11.46 -33.79 1.06
C LEU B 310 -11.40 -34.20 -0.38
N GLN B 311 -10.73 -35.32 -0.65
CA GLN B 311 -10.77 -35.90 -2.02
C GLN B 311 -12.22 -36.26 -2.37
N ALA B 312 -13.00 -36.63 -1.34
CA ALA B 312 -14.45 -36.80 -1.49
C ALA B 312 -15.08 -35.46 -1.89
N LEU B 313 -14.79 -34.42 -1.11
CA LEU B 313 -15.29 -33.04 -1.41
C LEU B 313 -14.81 -32.56 -2.78
N ALA B 314 -13.55 -32.81 -3.08
CA ALA B 314 -12.98 -32.40 -4.35
C ALA B 314 -13.80 -32.94 -5.51
N ASP B 315 -14.20 -34.21 -5.44
CA ASP B 315 -14.97 -34.81 -6.54
C ASP B 315 -16.35 -34.20 -6.61
N SER B 316 -17.10 -34.28 -5.52
CA SER B 316 -18.43 -33.70 -5.48
C SER B 316 -18.40 -32.34 -6.11
N HIS B 317 -17.45 -31.52 -5.69
CA HIS B 317 -17.35 -30.15 -6.18
C HIS B 317 -17.24 -30.04 -7.71
N LEU B 318 -16.45 -30.95 -8.28
CA LEU B 318 -16.24 -31.01 -9.72
C LEU B 318 -17.55 -31.35 -10.42
N LYS B 319 -18.19 -32.43 -9.99
CA LYS B 319 -19.49 -32.85 -10.51
C LYS B 319 -20.50 -31.69 -10.46
N ALA B 320 -20.53 -30.96 -9.34
CA ALA B 320 -21.42 -29.82 -9.21
C ALA B 320 -21.15 -28.82 -10.31
N TYR B 321 -19.88 -28.46 -10.50
CA TYR B 321 -19.49 -27.46 -11.49
C TYR B 321 -19.83 -27.93 -12.88
N GLN B 322 -19.48 -29.17 -13.18
CA GLN B 322 -19.73 -29.76 -14.51
C GLN B 322 -21.19 -29.81 -14.86
N GLY B 323 -21.98 -30.39 -13.97
CA GLY B 323 -23.41 -30.52 -14.20
C GLY B 323 -24.10 -29.18 -14.27
N ALA B 324 -23.56 -28.20 -13.55
CA ALA B 324 -24.12 -26.86 -13.54
C ALA B 324 -23.93 -26.24 -14.91
N ILE B 325 -22.75 -26.44 -15.46
CA ILE B 325 -22.43 -26.02 -16.85
C ILE B 325 -23.36 -26.72 -17.84
N LYS B 326 -23.34 -28.04 -17.84
CA LYS B 326 -24.24 -28.82 -18.69
C LYS B 326 -25.70 -28.39 -18.55
N ALA B 327 -26.16 -28.16 -17.33
CA ALA B 327 -27.53 -27.75 -17.11
C ALA B 327 -27.81 -26.29 -17.49
N GLY B 328 -26.77 -25.52 -17.83
CA GLY B 328 -26.93 -24.12 -18.24
C GLY B 328 -27.17 -23.08 -17.14
N VAL B 329 -26.58 -23.30 -15.99
CA VAL B 329 -26.62 -22.30 -14.93
C VAL B 329 -25.72 -21.16 -15.31
N THR B 330 -26.14 -19.93 -15.04
CA THR B 330 -25.25 -18.79 -15.23
C THR B 330 -24.00 -18.90 -14.34
N ILE B 331 -22.82 -18.74 -14.96
CA ILE B 331 -21.59 -18.94 -14.22
C ILE B 331 -20.66 -17.76 -14.34
N ALA B 332 -19.93 -17.48 -13.26
CA ALA B 332 -18.80 -16.57 -13.32
C ALA B 332 -17.63 -17.20 -12.60
N LEU B 333 -16.49 -16.50 -12.65
CA LEU B 333 -15.22 -17.09 -12.26
C LEU B 333 -14.63 -16.37 -11.09
N GLY B 334 -14.20 -17.17 -10.11
CA GLY B 334 -13.53 -16.63 -8.95
C GLY B 334 -12.41 -17.52 -8.46
N THR B 335 -11.27 -16.93 -8.15
CA THR B 335 -10.10 -17.69 -7.79
C THR B 335 -10.00 -17.99 -6.30
N ASP B 336 -10.49 -17.08 -5.45
CA ASP B 336 -10.24 -17.16 -4.01
C ASP B 336 -8.75 -17.02 -3.65
N THR B 337 -8.17 -15.89 -4.00
CA THR B 337 -6.81 -15.56 -3.62
C THR B 337 -6.67 -14.07 -3.39
N ALA B 338 -5.50 -13.67 -2.89
CA ALA B 338 -5.10 -12.26 -2.79
C ALA B 338 -5.03 -11.57 -4.17
N PRO B 339 -5.12 -10.23 -4.18
CA PRO B 339 -4.93 -9.56 -5.45
C PRO B 339 -3.52 -9.74 -5.93
N GLY B 340 -3.37 -9.93 -7.25
CA GLY B 340 -2.13 -10.33 -7.88
C GLY B 340 -1.97 -11.83 -8.02
N GLY B 341 -2.73 -12.57 -7.23
CA GLY B 341 -2.69 -14.01 -7.29
C GLY B 341 -3.10 -14.56 -8.63
N PRO B 342 -2.90 -15.87 -8.81
CA PRO B 342 -3.06 -16.52 -10.10
C PRO B 342 -4.51 -16.68 -10.52
N THR B 343 -5.17 -15.57 -10.80
CA THR B 343 -6.56 -15.61 -11.23
C THR B 343 -6.68 -16.29 -12.58
N ALA B 344 -5.72 -16.06 -13.46
CA ALA B 344 -5.74 -16.63 -14.80
C ALA B 344 -6.03 -18.15 -14.83
N LEU B 345 -5.62 -18.85 -13.79
CA LEU B 345 -5.82 -20.30 -13.72
C LEU B 345 -7.25 -20.73 -13.80
N GLU B 346 -8.13 -19.94 -13.20
CA GLU B 346 -9.53 -20.33 -13.06
C GLU B 346 -10.10 -20.55 -14.45
N LEU B 347 -9.66 -19.72 -15.39
CA LEU B 347 -10.02 -19.87 -16.79
C LEU B 347 -9.65 -21.25 -17.30
N GLN B 348 -8.39 -21.62 -17.10
CA GLN B 348 -7.92 -22.91 -17.51
C GLN B 348 -8.82 -24.02 -16.98
N PHE B 349 -9.13 -23.97 -15.68
CA PHE B 349 -9.96 -25.03 -15.06
C PHE B 349 -11.42 -25.03 -15.52
N ALA B 350 -11.93 -23.85 -15.84
CA ALA B 350 -13.26 -23.73 -16.46
C ALA B 350 -13.33 -24.66 -17.65
N VAL B 351 -12.36 -24.49 -18.53
CA VAL B 351 -12.32 -25.24 -19.77
C VAL B 351 -11.98 -26.68 -19.50
N GLU B 352 -10.90 -26.91 -18.79
CA GLU B 352 -10.37 -28.25 -18.66
C GLU B 352 -11.10 -29.12 -17.64
N ARG B 353 -11.73 -28.54 -16.63
CA ARG B 353 -12.36 -29.34 -15.59
C ARG B 353 -13.88 -29.25 -15.65
N GLY B 354 -14.39 -28.05 -15.85
CA GLY B 354 -15.82 -27.85 -15.94
C GLY B 354 -16.28 -28.26 -17.30
N GLY B 355 -15.38 -28.15 -18.27
CA GLY B 355 -15.67 -28.52 -19.63
C GLY B 355 -16.37 -27.42 -20.42
N MET B 356 -16.01 -26.16 -20.21
CA MET B 356 -16.58 -25.13 -21.10
C MET B 356 -15.65 -24.85 -22.27
N THR B 357 -16.21 -24.31 -23.35
CA THR B 357 -15.41 -23.85 -24.49
C THR B 357 -14.64 -22.63 -23.96
N PRO B 358 -13.47 -22.35 -24.53
CA PRO B 358 -12.78 -21.10 -24.18
C PRO B 358 -13.67 -19.87 -24.30
N LEU B 359 -14.54 -19.83 -25.31
CA LEU B 359 -15.43 -18.70 -25.51
C LEU B 359 -16.35 -18.46 -24.31
N GLU B 360 -16.97 -19.55 -23.83
CA GLU B 360 -17.84 -19.52 -22.64
C GLU B 360 -17.07 -19.16 -21.36
N ALA B 361 -15.83 -19.67 -21.23
CA ALA B 361 -14.99 -19.32 -20.08
C ALA B 361 -14.65 -17.85 -20.08
N ILE B 362 -14.40 -17.28 -21.24
CA ILE B 362 -14.19 -15.84 -21.32
C ILE B 362 -15.46 -15.11 -20.92
N LYS B 363 -16.62 -15.58 -21.36
CA LYS B 363 -17.92 -14.99 -20.99
C LYS B 363 -18.17 -14.99 -19.46
N ALA B 364 -17.75 -16.06 -18.79
CA ALA B 364 -17.90 -16.16 -17.35
C ALA B 364 -16.95 -15.20 -16.60
N ALA B 365 -15.83 -14.87 -17.24
CA ALA B 365 -14.90 -13.91 -16.69
C ALA B 365 -15.22 -12.47 -17.08
N THR B 366 -16.13 -12.25 -18.02
CA THR B 366 -16.40 -10.90 -18.50
C THR B 366 -17.84 -10.49 -18.45
N ALA B 367 -18.63 -11.01 -19.38
CA ALA B 367 -20.00 -10.57 -19.55
C ALA B 367 -20.88 -10.92 -18.36
N ASN B 368 -20.69 -12.12 -17.81
CA ASN B 368 -21.48 -12.56 -16.67
C ASN B 368 -21.05 -11.95 -15.36
N ALA B 369 -19.77 -11.63 -15.24
CA ALA B 369 -19.16 -11.30 -13.94
C ALA B 369 -19.78 -10.13 -13.16
N PRO B 370 -20.22 -9.08 -13.87
CA PRO B 370 -20.98 -8.03 -13.17
C PRO B 370 -22.31 -8.46 -12.54
N LEU B 371 -22.86 -9.62 -12.92
CA LEU B 371 -24.04 -10.16 -12.22
C LEU B 371 -23.72 -10.43 -10.76
N SER B 372 -22.44 -10.68 -10.49
CA SER B 372 -21.95 -10.90 -9.12
C SER B 372 -22.14 -9.73 -8.15
N VAL B 373 -22.53 -8.55 -8.63
CA VAL B 373 -22.79 -7.46 -7.71
C VAL B 373 -24.15 -6.85 -7.98
N GLY B 374 -24.91 -7.52 -8.83
CA GLY B 374 -26.26 -7.08 -9.14
C GLY B 374 -26.40 -5.62 -9.51
N PRO B 375 -27.27 -4.88 -8.82
CA PRO B 375 -27.55 -3.51 -9.18
C PRO B 375 -26.38 -2.55 -8.97
N GLN B 376 -25.35 -2.97 -8.25
CA GLN B 376 -24.19 -2.13 -8.06
C GLN B 376 -23.29 -2.07 -9.29
N ALA B 377 -23.59 -2.90 -10.28
CA ALA B 377 -22.79 -3.00 -11.51
C ALA B 377 -23.20 -1.94 -12.49
N PRO B 378 -22.24 -1.29 -13.15
CA PRO B 378 -22.72 -0.50 -14.29
C PRO B 378 -22.90 -1.39 -15.52
N LEU B 379 -23.10 -0.80 -16.68
CA LEU B 379 -23.05 -1.58 -17.90
C LEU B 379 -21.58 -1.77 -18.18
N THR B 380 -21.12 -3.01 -18.20
CA THR B 380 -19.69 -3.29 -18.31
C THR B 380 -19.45 -4.78 -18.51
N GLY B 381 -18.18 -5.15 -18.62
CA GLY B 381 -17.78 -6.54 -18.83
C GLY B 381 -18.10 -7.05 -20.22
N GLN B 382 -18.37 -6.12 -21.14
CA GLN B 382 -18.62 -6.46 -22.53
C GLN B 382 -18.13 -5.34 -23.42
N LEU B 383 -17.68 -5.72 -24.62
CA LEU B 383 -17.25 -4.75 -25.61
C LEU B 383 -18.45 -4.43 -26.47
N ARG B 384 -19.14 -3.37 -26.08
CA ARG B 384 -20.39 -3.03 -26.69
C ARG B 384 -20.72 -1.56 -26.48
N GLU B 385 -21.44 -0.96 -27.42
CA GLU B 385 -21.75 0.48 -27.34
C GLU B 385 -22.49 0.85 -26.06
N GLY B 386 -21.99 1.89 -25.37
CA GLY B 386 -22.56 2.36 -24.11
C GLY B 386 -21.94 1.78 -22.85
N TYR B 387 -21.32 0.61 -22.98
CA TYR B 387 -20.69 -0.05 -21.84
C TYR B 387 -19.41 0.64 -21.49
N GLU B 388 -18.97 0.39 -20.27
CA GLU B 388 -17.81 1.08 -19.75
C GLU B 388 -16.55 0.64 -20.47
N ALA B 389 -15.69 1.59 -20.80
CA ALA B 389 -14.48 1.31 -21.55
C ALA B 389 -13.41 0.63 -20.67
N ASP B 390 -13.69 -0.60 -20.24
CA ASP B 390 -12.68 -1.41 -19.60
C ASP B 390 -12.33 -2.47 -20.62
N VAL B 391 -11.19 -2.30 -21.30
CA VAL B 391 -10.79 -3.13 -22.43
C VAL B 391 -9.32 -3.54 -22.32
N ILE B 392 -9.02 -4.75 -22.76
CA ILE B 392 -7.63 -5.18 -22.86
C ILE B 392 -7.27 -5.79 -24.20
N ALA B 393 -5.98 -5.74 -24.51
CA ALA B 393 -5.49 -6.21 -25.78
C ALA B 393 -4.48 -7.31 -25.59
N LEU B 394 -4.50 -8.26 -26.51
CA LEU B 394 -3.61 -9.40 -26.44
C LEU B 394 -2.71 -9.55 -27.66
N GLU B 395 -1.78 -10.49 -27.52
CA GLU B 395 -0.79 -10.79 -28.53
C GLU B 395 -1.10 -12.15 -29.18
N GLU B 396 -1.67 -13.07 -28.40
CA GLU B 396 -2.01 -14.41 -28.85
C GLU B 396 -3.52 -14.64 -28.75
N ASN B 397 -4.04 -15.58 -29.52
CA ASN B 397 -5.47 -15.88 -29.50
C ASN B 397 -5.85 -16.88 -28.41
N PRO B 398 -6.51 -16.44 -27.35
CA PRO B 398 -6.89 -17.31 -26.25
C PRO B 398 -7.86 -18.44 -26.60
N LEU B 399 -8.62 -18.26 -27.68
CA LEU B 399 -9.56 -19.27 -28.09
C LEU B 399 -8.86 -20.54 -28.52
N GLU B 400 -7.64 -20.40 -29.05
CA GLU B 400 -6.81 -21.56 -29.42
C GLU B 400 -6.13 -22.09 -28.17
N ASP B 401 -5.43 -21.23 -27.42
CA ASP B 401 -4.83 -21.62 -26.14
C ASP B 401 -5.30 -20.72 -25.01
N ILE B 402 -6.03 -21.30 -24.07
CA ILE B 402 -6.58 -20.53 -22.94
C ILE B 402 -5.52 -20.19 -21.88
N LYS B 403 -4.44 -20.96 -21.86
CA LYS B 403 -3.37 -20.71 -20.91
C LYS B 403 -2.60 -19.42 -21.19
N VAL B 404 -2.95 -18.69 -22.26
CA VAL B 404 -2.19 -17.47 -22.61
C VAL B 404 -2.30 -16.44 -21.53
N PHE B 405 -3.40 -16.48 -20.78
CA PHE B 405 -3.62 -15.50 -19.72
C PHE B 405 -2.62 -15.64 -18.59
N GLN B 406 -2.04 -16.82 -18.43
CA GLN B 406 -1.04 -17.05 -17.39
C GLN B 406 0.29 -16.40 -17.72
N GLU B 407 0.40 -15.76 -18.88
CA GLU B 407 1.57 -14.98 -19.20
C GLU B 407 1.23 -13.48 -19.22
N PRO B 408 1.61 -12.74 -18.15
CA PRO B 408 1.32 -11.29 -18.03
C PRO B 408 1.83 -10.41 -19.19
N LYS B 409 2.91 -10.83 -19.86
CA LYS B 409 3.41 -10.11 -21.03
C LYS B 409 2.46 -10.17 -22.21
N ALA B 410 1.66 -11.23 -22.28
CA ALA B 410 0.70 -11.47 -23.37
C ALA B 410 -0.42 -10.44 -23.41
N VAL B 411 -0.62 -9.76 -22.28
CA VAL B 411 -1.49 -8.59 -22.23
C VAL B 411 -0.67 -7.33 -22.50
N THR B 412 -0.98 -6.62 -23.58
CA THR B 412 -0.16 -5.49 -23.99
C THR B 412 -0.81 -4.15 -23.74
N HIS B 413 -2.13 -4.14 -23.62
CA HIS B 413 -2.89 -2.90 -23.42
C HIS B 413 -3.97 -3.10 -22.39
N VAL B 414 -4.11 -2.12 -21.52
CA VAL B 414 -5.10 -2.21 -20.47
C VAL B 414 -5.77 -0.86 -20.33
N TRP B 415 -7.07 -0.85 -20.60
CA TRP B 415 -7.87 0.34 -20.48
C TRP B 415 -8.87 0.12 -19.39
N LYS B 416 -8.90 1.03 -18.41
CA LYS B 416 -9.93 1.04 -17.38
C LYS B 416 -10.54 2.42 -17.31
N GLY B 417 -11.86 2.49 -17.51
CA GLY B 417 -12.56 3.76 -17.56
C GLY B 417 -12.04 4.60 -18.69
N GLY B 418 -11.65 3.94 -19.78
CA GLY B 418 -11.13 4.62 -20.97
C GLY B 418 -9.79 5.30 -20.79
N LYS B 419 -9.09 4.98 -19.69
CA LYS B 419 -7.77 5.50 -19.41
C LYS B 419 -6.79 4.34 -19.55
N LEU B 420 -5.59 4.62 -20.01
CA LEU B 420 -4.67 3.59 -20.39
C LEU B 420 -3.66 3.39 -19.29
N PHE B 421 -3.64 2.20 -18.73
CA PHE B 421 -2.77 1.89 -17.59
C PHE B 421 -1.58 1.02 -17.91
N LYS B 422 -1.72 0.20 -18.95
CA LYS B 422 -0.59 -0.55 -19.48
C LYS B 422 -0.70 -0.43 -20.96
N GLY B 423 0.43 -0.14 -21.59
CA GLY B 423 0.49 -0.04 -23.04
C GLY B 423 1.90 0.22 -23.47
N PRO B 424 2.15 0.32 -24.77
CA PRO B 424 3.47 0.65 -25.29
C PRO B 424 3.97 1.98 -24.69
N GLY B 425 5.19 1.96 -24.13
CA GLY B 425 5.81 3.13 -23.53
C GLY B 425 4.88 3.92 -22.63
N ILE B 426 4.14 3.18 -21.79
CA ILE B 426 3.26 3.73 -20.78
C ILE B 426 3.81 3.31 -19.44
N GLY B 427 3.97 4.27 -18.54
CA GLY B 427 4.60 4.05 -17.27
C GLY B 427 3.90 3.12 -16.32
N PRO B 428 4.58 2.79 -15.23
CA PRO B 428 4.09 1.80 -14.30
C PRO B 428 2.75 2.15 -13.62
N TRP B 429 2.44 3.44 -13.54
CA TRP B 429 1.21 3.90 -12.89
C TRP B 429 0.25 4.43 -13.92
N GLY B 430 0.45 4.00 -15.15
CA GLY B 430 -0.42 4.40 -16.26
C GLY B 430 -0.12 5.75 -16.86
N GLU B 431 -1.00 6.15 -17.78
CA GLU B 431 -0.75 7.31 -18.59
C GLU B 431 -0.95 8.59 -17.82
N ASP B 432 -0.18 9.60 -18.25
CA ASP B 432 -0.22 10.93 -17.70
C ASP B 432 -0.06 10.87 -16.20
N ALA B 433 0.68 9.88 -15.74
CA ALA B 433 0.85 9.65 -14.32
C ALA B 433 1.70 10.76 -13.73
N ARG B 434 1.38 11.16 -12.51
CA ARG B 434 2.13 12.17 -11.77
C ARG B 434 2.17 11.76 -10.31
N ASN B 435 3.31 12.00 -9.69
CA ASN B 435 3.49 11.75 -8.28
C ASN B 435 2.45 12.52 -7.48
N PRO B 436 1.52 11.79 -6.84
CA PRO B 436 0.48 12.46 -6.05
C PRO B 436 0.99 13.17 -4.79
N PHE B 437 2.24 12.97 -4.38
CA PHE B 437 2.73 13.59 -3.16
C PHE B 437 3.53 14.87 -3.38
N LEU B 438 3.32 15.54 -4.51
CA LEU B 438 4.00 16.80 -4.83
C LEU B 438 3.02 17.93 -5.17
ZN ZN C . 7.01 16.49 12.44
ZN ZN D . 7.83 18.64 14.31
ZN ZN E . -13.62 -17.33 0.31
ZN ZN F . -15.54 -19.55 0.53
#